data_1UE3
# 
_entry.id   1UE3 
# 
_audit_conform.dict_name       mmcif_pdbx.dic 
_audit_conform.dict_version    5.380 
_audit_conform.dict_location   http://mmcif.pdb.org/dictionaries/ascii/mmcif_pdbx.dic 
# 
loop_
_database_2.database_id 
_database_2.database_code 
_database_2.pdbx_database_accession 
_database_2.pdbx_DOI 
PDB   1UE3         pdb_00001ue3 10.2210/pdb1ue3/pdb 
NDB   UD0033       ?            ?                   
RCSB  RCSB005719   ?            ?                   
WWPDB D_1000005719 ?            ?                   
# 
loop_
_pdbx_database_related.db_name 
_pdbx_database_related.db_id 
_pdbx_database_related.details 
_pdbx_database_related.content_type 
PDB 1UE2 'The crystal structure of d(GI5CGAAAGCT)' unspecified 
PDB 1UE4 'The crystal structure of d(GCGAAAGC)'    unspecified 
# 
_pdbx_database_status.status_code                     REL 
_pdbx_database_status.entry_id                        1UE3 
_pdbx_database_status.recvd_initial_deposition_date   2003-05-08 
_pdbx_database_status.deposit_site                    PDBJ 
_pdbx_database_status.process_site                    PDBJ 
_pdbx_database_status.status_code_sf                  REL 
_pdbx_database_status.SG_entry                        . 
_pdbx_database_status.pdb_format_compatible           Y 
_pdbx_database_status.status_code_mr                  ? 
_pdbx_database_status.status_code_cs                  ? 
_pdbx_database_status.status_code_nmr_data            ? 
_pdbx_database_status.methods_development_category    ? 
# 
loop_
_audit_author.name 
_audit_author.pdbx_ordinal 
'Sunami, T.'   1 
'Kondo, J.'    2 
'Hirao, I.'    3 
'Watanabe, K.' 4 
'Miura, K.'    5 
'Takenaka, A.' 6 
# 
_citation.id                        primary 
_citation.title                     'Structure of d(GCGAAAGC) (hexagonal form): a base-intercalated duplex as a stable structure.' 
_citation.journal_abbrev            'Acta Crystallogr.,Sect.D' 
_citation.journal_volume            60 
_citation.page_first                90 
_citation.page_last                 96 
_citation.year                      2004 
_citation.journal_id_ASTM           ABCRE6 
_citation.country                   DK 
_citation.journal_id_ISSN           0907-4449 
_citation.journal_id_CSD            0766 
_citation.book_publisher            ? 
_citation.pdbx_database_id_PubMed   14684897 
_citation.pdbx_database_id_DOI      10.1107/S0907444903024703 
# 
loop_
_citation_author.citation_id 
_citation_author.name 
_citation_author.ordinal 
_citation_author.identifier_ORCID 
primary 'Sunami, T.'   1 ? 
primary 'Kondo, J.'    2 ? 
primary 'Hirao, I.'    3 ? 
primary 'Watanabe, K.' 4 ? 
primary 'Miura, K.I.'  5 ? 
primary 'Takenaka, A.' 6 ? 
# 
_cell.entry_id           1UE3 
_cell.length_a           37.373 
_cell.length_b           37.373 
_cell.length_c           64.587 
_cell.angle_alpha        90.00 
_cell.angle_beta         90.00 
_cell.angle_gamma        120.00 
_cell.Z_PDB              12 
_cell.pdbx_unique_axis   ? 
# 
_symmetry.entry_id                         1UE3 
_symmetry.space_group_name_H-M             'P 63 2 2' 
_symmetry.pdbx_full_space_group_name_H-M   ? 
_symmetry.cell_setting                     ? 
_symmetry.Int_Tables_number                182 
# 
loop_
_entity.id 
_entity.type 
_entity.src_method 
_entity.pdbx_description 
_entity.formula_weight 
_entity.pdbx_number_of_molecules 
_entity.pdbx_ec 
_entity.pdbx_mutation 
_entity.pdbx_fragment 
_entity.details 
1 polymer     syn "5'-D(*GP*CP*GP*AP*AP*AP*GP*C)-3'" 2460.644 1  ? ? ? ? 
2 non-polymer syn 'CHLORIDE ION'                     35.453   1  ? ? ? ? 
3 non-polymer syn 'MAGNESIUM ION'                    24.305   2  ? ? ? ? 
4 non-polymer syn 'COBALT HEXAMMINE(III)'            161.116  1  ? ? ? ? 
5 water       nat water                              18.015   40 ? ? ? ? 
# 
_entity_poly.entity_id                      1 
_entity_poly.type                           polydeoxyribonucleotide 
_entity_poly.nstd_linkage                   no 
_entity_poly.nstd_monomer                   no 
_entity_poly.pdbx_seq_one_letter_code       '(DG)(DC)(DG)(DA)(DA)(DA)(DG)(DC)' 
_entity_poly.pdbx_seq_one_letter_code_can   GCGAAAGC 
_entity_poly.pdbx_strand_id                 A 
_entity_poly.pdbx_target_identifier         ? 
# 
loop_
_entity_poly_seq.entity_id 
_entity_poly_seq.num 
_entity_poly_seq.mon_id 
_entity_poly_seq.hetero 
1 1 DG n 
1 2 DC n 
1 3 DG n 
1 4 DA n 
1 5 DA n 
1 6 DA n 
1 7 DG n 
1 8 DC n 
# 
_struct_ref.id                         1 
_struct_ref.entity_id                  1 
_struct_ref.db_name                    PDB 
_struct_ref.db_code                    1UE3 
_struct_ref.pdbx_db_accession          1UE3 
_struct_ref.pdbx_db_isoform            ? 
_struct_ref.pdbx_seq_one_letter_code   ? 
_struct_ref.pdbx_align_begin           ? 
# 
_struct_ref_seq.align_id                      1 
_struct_ref_seq.ref_id                        1 
_struct_ref_seq.pdbx_PDB_id_code              1UE3 
_struct_ref_seq.pdbx_strand_id                A 
_struct_ref_seq.seq_align_beg                 1 
_struct_ref_seq.pdbx_seq_align_beg_ins_code   ? 
_struct_ref_seq.seq_align_end                 8 
_struct_ref_seq.pdbx_seq_align_end_ins_code   ? 
_struct_ref_seq.pdbx_db_accession             1UE3 
_struct_ref_seq.db_align_beg                  1 
_struct_ref_seq.pdbx_db_align_beg_ins_code    ? 
_struct_ref_seq.db_align_end                  8 
_struct_ref_seq.pdbx_db_align_end_ins_code    ? 
_struct_ref_seq.pdbx_auth_seq_align_beg       1 
_struct_ref_seq.pdbx_auth_seq_align_end       8 
# 
loop_
_chem_comp.id 
_chem_comp.type 
_chem_comp.mon_nstd_flag 
_chem_comp.name 
_chem_comp.pdbx_synonyms 
_chem_comp.formula 
_chem_comp.formula_weight 
CL  non-polymer   . 'CHLORIDE ION'                       ? 'Cl -1'           35.453  
DA  'DNA linking' y "2'-DEOXYADENOSINE-5'-MONOPHOSPHATE" ? 'C10 H14 N5 O6 P' 331.222 
DC  'DNA linking' y "2'-DEOXYCYTIDINE-5'-MONOPHOSPHATE"  ? 'C9 H14 N3 O7 P'  307.197 
DG  'DNA linking' y "2'-DEOXYGUANOSINE-5'-MONOPHOSPHATE" ? 'C10 H14 N5 O7 P' 347.221 
HOH non-polymer   . WATER                                ? 'H2 O'            18.015  
MG  non-polymer   . 'MAGNESIUM ION'                      ? 'Mg 2'            24.305  
NCO non-polymer   . 'COBALT HEXAMMINE(III)'              ? 'Co H18 N6 3'     161.116 
# 
_exptl.entry_id          1UE3 
_exptl.method            'X-RAY DIFFRACTION' 
_exptl.crystals_number   1 
# 
_exptl_crystal.id                    1 
_exptl_crystal.density_meas          ? 
_exptl_crystal.density_Matthews      1.97 
_exptl_crystal.density_percent_sol   37.09 
_exptl_crystal.description           ? 
# 
_exptl_crystal_grow.crystal_id      1 
_exptl_crystal_grow.method          'VAPOR DIFFUSION, HANGING DROP' 
_exptl_crystal_grow.temp            277 
_exptl_crystal_grow.temp_details    ? 
_exptl_crystal_grow.pH              7.0 
_exptl_crystal_grow.pdbx_details    
;magnesium chloride, spermine 4HCl, hexaamminecobalt(III) chloride, 2-methyl-2,4-pentanediol, sodium cacodylate, pH 7.0, VAPOR DIFFUSION, HANGING DROP, temperature 277K
;
_exptl_crystal_grow.pdbx_pH_range   . 
# 
loop_
_exptl_crystal_grow_comp.crystal_id 
_exptl_crystal_grow_comp.id 
_exptl_crystal_grow_comp.sol_id 
_exptl_crystal_grow_comp.name 
_exptl_crystal_grow_comp.volume 
_exptl_crystal_grow_comp.conc 
_exptl_crystal_grow_comp.details 
1 1 1 'magnesium chloride'             ? ? ? 
1 2 1 'spermine 4HCl'                  ? ? ? 
1 3 1 'hexaamminecobalt(III) chloride' ? ? ? 
1 4 1 2-methyl-2,4-pentanediol         ? ? ? 
1 5 1 'sodium cacodylate'              ? ? ? 
1 6 2 'magnesium chloride'             ? ? ? 
1 7 2 'spermine 4HCl'                  ? ? ? 
1 8 2 'hexaamminecobalt(III) chloride' ? ? ? 
# 
_diffrn.id                     1 
_diffrn.ambient_temp           100 
_diffrn.ambient_temp_details   ? 
_diffrn.crystal_id             1 
# 
_diffrn_detector.diffrn_id              1 
_diffrn_detector.detector               CCD 
_diffrn_detector.type                   'ADSC QUANTUM 4' 
_diffrn_detector.pdbx_collection_date   2002-03-06 
_diffrn_detector.details                ? 
# 
_diffrn_radiation.diffrn_id                        1 
_diffrn_radiation.wavelength_id                    1 
_diffrn_radiation.pdbx_monochromatic_or_laue_m_l   M 
_diffrn_radiation.monochromator                    ? 
_diffrn_radiation.pdbx_diffrn_protocol             'SINGLE WAVELENGTH' 
_diffrn_radiation.pdbx_scattering_type             x-ray 
# 
_diffrn_radiation_wavelength.id           1 
_diffrn_radiation_wavelength.wavelength   0.9780 
_diffrn_radiation_wavelength.wt           1.0 
# 
_diffrn_source.diffrn_id                   1 
_diffrn_source.source                      SYNCHROTRON 
_diffrn_source.type                        'PHOTON FACTORY BEAMLINE BL-18B' 
_diffrn_source.pdbx_synchrotron_site       'Photon Factory' 
_diffrn_source.pdbx_synchrotron_beamline   BL-18B 
_diffrn_source.pdbx_wavelength             ? 
_diffrn_source.pdbx_wavelength_list        0.9780 
# 
_reflns.entry_id                     1UE3 
_reflns.observed_criterion_sigma_F   ? 
_reflns.observed_criterion_sigma_I   ? 
_reflns.d_resolution_high            2.1 
_reflns.d_resolution_low             32 
_reflns.number_all                   1817 
_reflns.number_obs                   1817 
_reflns.percent_possible_obs         100 
_reflns.pdbx_Rmerge_I_obs            0.044 
_reflns.pdbx_Rsym_value              ? 
_reflns.pdbx_netI_over_sigmaI        6.2 
_reflns.B_iso_Wilson_estimate        ? 
_reflns.pdbx_redundancy              ? 
_reflns.R_free_details               ? 
_reflns.pdbx_diffrn_id               1 
_reflns.pdbx_ordinal                 1 
# 
_reflns_shell.d_res_high             2.10 
_reflns_shell.d_res_low              2.21 
_reflns_shell.percent_possible_all   100 
_reflns_shell.Rmerge_I_obs           0.393 
_reflns_shell.pdbx_Rsym_value        ? 
_reflns_shell.meanI_over_sigI_obs    1.9 
_reflns_shell.pdbx_redundancy        ? 
_reflns_shell.percent_possible_obs   ? 
_reflns_shell.number_unique_all      ? 
_reflns_shell.pdbx_diffrn_id         ? 
_reflns_shell.pdbx_ordinal           1 
# 
_refine.entry_id                                 1UE3 
_refine.ls_d_res_high                            2.15 
_refine.ls_d_res_low                             10 
_refine.pdbx_ls_sigma_F                          3 
_refine.pdbx_ls_sigma_I                          ? 
_refine.ls_number_reflns_all                     1661 
_refine.ls_number_reflns_obs                     1538 
_refine.ls_number_reflns_R_free                  146 
_refine.ls_percent_reflns_obs                    ? 
_refine.ls_R_factor_all                          ? 
_refine.ls_R_factor_obs                          ? 
_refine.ls_R_factor_R_work                       0.2272 
_refine.ls_R_factor_R_free                       0.2389 
_refine.ls_redundancy_reflns_obs                 ? 
_refine.pdbx_data_cutoff_high_absF               ? 
_refine.pdbx_data_cutoff_low_absF                ? 
_refine.ls_number_parameters                     ? 
_refine.ls_number_restraints                     ? 
_refine.ls_percent_reflns_R_free                 ? 
_refine.ls_R_factor_R_free_error                 ? 
_refine.ls_R_factor_R_free_error_details         ? 
_refine.pdbx_method_to_determine_struct          'MOLECULAR REPLACEMENT' 
_refine.pdbx_starting_model                      'PDB ENTRY 1UE2' 
_refine.pdbx_ls_cross_valid_method               ? 
_refine.pdbx_R_Free_selection_details            RANDOM 
_refine.pdbx_stereochem_target_val_spec_case     ? 
_refine.pdbx_stereochemistry_target_values       'G. PARKINSON ET AL., (1996) ACTACRYST. D52, 57-64' 
_refine.solvent_model_details                    ? 
_refine.solvent_model_param_bsol                 ? 
_refine.solvent_model_param_ksol                 ? 
_refine.occupancy_max                            ? 
_refine.occupancy_min                            ? 
_refine.pdbx_isotropic_thermal_model             ? 
_refine.B_iso_mean                               ? 
_refine.aniso_B[1][1]                            ? 
_refine.aniso_B[1][2]                            ? 
_refine.aniso_B[1][3]                            ? 
_refine.aniso_B[2][2]                            ? 
_refine.aniso_B[2][3]                            ? 
_refine.aniso_B[3][3]                            ? 
_refine.details                                  ? 
_refine.correlation_coeff_Fo_to_Fc               ? 
_refine.correlation_coeff_Fo_to_Fc_free          ? 
_refine.pdbx_solvent_vdw_probe_radii             ? 
_refine.pdbx_solvent_ion_probe_radii             ? 
_refine.pdbx_solvent_shrinkage_radii             ? 
_refine.overall_SU_R_Cruickshank_DPI             ? 
_refine.overall_SU_R_free                        ? 
_refine.overall_SU_B                             ? 
_refine.overall_SU_ML                            ? 
_refine.pdbx_overall_ESU_R                       ? 
_refine.pdbx_overall_ESU_R_Free                  ? 
_refine.pdbx_data_cutoff_high_rms_absF           ? 
_refine.pdbx_refine_id                           'X-RAY DIFFRACTION' 
_refine.pdbx_diffrn_id                           1 
_refine.pdbx_TLS_residual_ADP_flag               ? 
_refine.pdbx_overall_phase_error                 ? 
_refine.pdbx_overall_SU_R_free_Cruickshank_DPI   ? 
_refine.pdbx_overall_SU_R_Blow_DPI               ? 
_refine.pdbx_overall_SU_R_free_Blow_DPI          ? 
# 
_refine_hist.pdbx_refine_id                   'X-RAY DIFFRACTION' 
_refine_hist.cycle_id                         LAST 
_refine_hist.pdbx_number_atoms_protein        0 
_refine_hist.pdbx_number_atoms_nucleic_acid   186 
_refine_hist.pdbx_number_atoms_ligand         22 
_refine_hist.number_atoms_solvent             28 
_refine_hist.number_atoms_total               236 
_refine_hist.d_res_high                       2.15 
_refine_hist.d_res_low                        10 
# 
loop_
_refine_ls_restr.type 
_refine_ls_restr.dev_ideal 
_refine_ls_restr.dev_ideal_target 
_refine_ls_restr.weight 
_refine_ls_restr.number 
_refine_ls_restr.pdbx_refine_id 
_refine_ls_restr.pdbx_restraint_function 
c_bond_d    0.007 ? ? ? 'X-RAY DIFFRACTION' ? 
c_angle_deg 1.0   ? ? ? 'X-RAY DIFFRACTION' ? 
# 
_refine_ls_shell.pdbx_total_number_of_bins_used   ? 
_refine_ls_shell.d_res_high                       2.15 
_refine_ls_shell.d_res_low                        2.23 
_refine_ls_shell.number_reflns_R_work             ? 
_refine_ls_shell.R_factor_R_work                  0.2282 
_refine_ls_shell.percent_reflns_obs               ? 
_refine_ls_shell.R_factor_R_free                  0.2322 
_refine_ls_shell.R_factor_R_free_error            ? 
_refine_ls_shell.percent_reflns_R_free            ? 
_refine_ls_shell.number_reflns_R_free             13 
_refine_ls_shell.redundancy_reflns_obs            ? 
_refine_ls_shell.pdbx_refine_id                   'X-RAY DIFFRACTION' 
_refine_ls_shell.number_reflns_all                ? 
_refine_ls_shell.R_factor_all                     ? 
# 
_struct.entry_id                  1UE3 
_struct.title                     'Crystal structure of d(GCGAAAGC) containing hexaamminecobalt' 
_struct.pdbx_model_details        ? 
_struct.pdbx_CASP_flag            ? 
_struct.pdbx_model_type_details   ? 
# 
_struct_keywords.entry_id        1UE3 
_struct_keywords.pdbx_keywords   DNA 
_struct_keywords.text            'DNA, base-intercalated duplex, mini-hairpin structure, sheared G:A pair, zipper-like duplex' 
# 
loop_
_struct_asym.id 
_struct_asym.pdbx_blank_PDB_chainid_flag 
_struct_asym.pdbx_modified 
_struct_asym.entity_id 
_struct_asym.details 
A N N 1 ? 
B N N 2 ? 
C N N 3 ? 
D N N 3 ? 
E N N 4 ? 
F N N 5 ? 
# 
_struct_biol.id                    1 
_struct_biol.pdbx_parent_biol_id   ? 
_struct_biol.details               ? 
# 
loop_
_struct_conn.id 
_struct_conn.conn_type_id 
_struct_conn.pdbx_leaving_atom_flag 
_struct_conn.pdbx_PDB_id 
_struct_conn.ptnr1_label_asym_id 
_struct_conn.ptnr1_label_comp_id 
_struct_conn.ptnr1_label_seq_id 
_struct_conn.ptnr1_label_atom_id 
_struct_conn.pdbx_ptnr1_label_alt_id 
_struct_conn.pdbx_ptnr1_PDB_ins_code 
_struct_conn.pdbx_ptnr1_standard_comp_id 
_struct_conn.ptnr1_symmetry 
_struct_conn.ptnr2_label_asym_id 
_struct_conn.ptnr2_label_comp_id 
_struct_conn.ptnr2_label_seq_id 
_struct_conn.ptnr2_label_atom_id 
_struct_conn.pdbx_ptnr2_label_alt_id 
_struct_conn.pdbx_ptnr2_PDB_ins_code 
_struct_conn.ptnr1_auth_asym_id 
_struct_conn.ptnr1_auth_comp_id 
_struct_conn.ptnr1_auth_seq_id 
_struct_conn.ptnr2_auth_asym_id 
_struct_conn.ptnr2_auth_comp_id 
_struct_conn.ptnr2_auth_seq_id 
_struct_conn.ptnr2_symmetry 
_struct_conn.pdbx_ptnr3_label_atom_id 
_struct_conn.pdbx_ptnr3_label_seq_id 
_struct_conn.pdbx_ptnr3_label_comp_id 
_struct_conn.pdbx_ptnr3_label_asym_id 
_struct_conn.pdbx_ptnr3_label_alt_id 
_struct_conn.pdbx_ptnr3_PDB_ins_code 
_struct_conn.details 
_struct_conn.pdbx_dist_value 
_struct_conn.pdbx_value_order 
_struct_conn.pdbx_role 
metalc1  metalc ? ? C MG . MG ? ? ? 1_555 F HOH . O  ? ? A MG 767 A HOH 769 1_555 ? ? ? ? ? ? ?            2.071 ? ? 
metalc2  metalc ? ? C MG . MG ? ? ? 1_555 F HOH . O  ? ? A MG 767 A HOH 770 1_555 ? ? ? ? ? ? ?            2.068 ? ? 
metalc3  metalc ? ? C MG . MG ? ? ? 1_555 F HOH . O  ? ? A MG 767 A HOH 771 1_555 ? ? ? ? ? ? ?            2.060 ? ? 
metalc4  metalc ? ? C MG . MG ? ? ? 1_555 F HOH . O  ? ? A MG 767 A HOH 772 1_555 ? ? ? ? ? ? ?            2.058 ? ? 
metalc5  metalc ? ? C MG . MG ? ? ? 1_555 F HOH . O  ? ? A MG 767 A HOH 773 1_555 ? ? ? ? ? ? ?            2.060 ? ? 
metalc6  metalc ? ? C MG . MG ? ? ? 1_555 F HOH . O  ? ? A MG 767 A HOH 774 1_555 ? ? ? ? ? ? ?            2.063 ? ? 
metalc7  metalc ? ? D MG . MG ? ? ? 1_555 F HOH . O  ? ? A MG 768 A HOH 775 1_555 ? ? ? ? ? ? ?            2.060 ? ? 
metalc8  metalc ? ? D MG . MG ? ? ? 1_555 F HOH . O  ? ? A MG 768 A HOH 775 3_565 ? ? ? ? ? ? ?            2.060 ? ? 
metalc9  metalc ? ? D MG . MG ? ? ? 1_555 F HOH . O  ? ? A MG 768 A HOH 775 2_665 ? ? ? ? ? ? ?            2.060 ? ? 
metalc10 metalc ? ? D MG . MG ? ? ? 1_555 F HOH . O  ? ? A MG 768 A HOH 776 1_555 ? ? ? ? ? ? ?            2.060 ? ? 
metalc11 metalc ? ? D MG . MG ? ? ? 1_555 F HOH . O  ? ? A MG 768 A HOH 776 2_665 ? ? ? ? ? ? ?            2.059 ? ? 
metalc12 metalc ? ? D MG . MG ? ? ? 1_555 F HOH . O  ? ? A MG 768 A HOH 776 3_565 ? ? ? ? ? ? ?            2.059 ? ? 
metalc13 metalc ? ? D MG . MG ? ? ? 1_555 F HOH . O  ? ? A MG 768 A HOH 777 1_555 ? ? ? ? ? ? ?            2.060 ? ? 
metalc14 metalc ? ? D MG . MG ? ? ? 1_555 F HOH . O  ? ? A MG 768 A HOH 777 3_565 ? ? ? ? ? ? ?            2.060 ? ? 
metalc15 metalc ? ? D MG . MG ? ? ? 1_555 F HOH . O  ? ? A MG 768 A HOH 777 2_665 ? ? ? ? ? ? ?            2.060 ? ? 
metalc16 metalc ? ? D MG . MG ? ? ? 1_555 F HOH . O  ? ? A MG 768 A HOH 778 1_555 ? ? ? ? ? ? ?            2.060 ? ? 
metalc17 metalc ? ? D MG . MG ? ? ? 1_555 F HOH . O  ? ? A MG 768 A HOH 778 2_665 ? ? ? ? ? ? ?            2.060 ? ? 
metalc18 metalc ? ? D MG . MG ? ? ? 1_555 F HOH . O  ? ? A MG 768 A HOH 778 3_565 ? ? ? ? ? ? ?            2.060 ? ? 
metalc19 metalc ? ? D MG . MG ? ? ? 1_555 F HOH . O  ? ? A MG 768 A HOH 779 1_555 ? ? ? ? ? ? ?            2.060 ? ? 
metalc20 metalc ? ? D MG . MG ? ? ? 1_555 F HOH . O  ? ? A MG 768 A HOH 779 3_565 ? ? ? ? ? ? ?            2.060 ? ? 
metalc21 metalc ? ? D MG . MG ? ? ? 1_555 F HOH . O  ? ? A MG 768 A HOH 779 2_665 ? ? ? ? ? ? ?            2.060 ? ? 
metalc22 metalc ? ? D MG . MG ? ? ? 1_555 F HOH . O  ? ? A MG 768 A HOH 780 1_555 ? ? ? ? ? ? ?            2.060 ? ? 
metalc23 metalc ? ? D MG . MG ? ? ? 1_555 F HOH . O  ? ? A MG 768 A HOH 780 3_565 ? ? ? ? ? ? ?            2.060 ? ? 
metalc24 metalc ? ? D MG . MG ? ? ? 1_555 F HOH . O  ? ? A MG 768 A HOH 780 2_665 ? ? ? ? ? ? ?            2.060 ? ? 
hydrog1  hydrog ? ? A DG 1 N1 ? ? ? 1_555 A DC  8 N3 ? ? A DG 1   A DC  8   8_665 ? ? ? ? ? ? WATSON-CRICK ?     ? ? 
hydrog2  hydrog ? ? A DG 1 N2 ? ? ? 1_555 A DC  8 O2 ? ? A DG 1   A DC  8   8_665 ? ? ? ? ? ? WATSON-CRICK ?     ? ? 
hydrog3  hydrog ? ? A DG 1 O6 ? ? ? 1_555 A DC  8 N4 ? ? A DG 1   A DC  8   8_665 ? ? ? ? ? ? WATSON-CRICK ?     ? ? 
hydrog4  hydrog ? ? A DC 2 N3 ? ? ? 1_555 A DG  7 N1 ? ? A DC 2   A DG  7   8_665 ? ? ? ? ? ? WATSON-CRICK ?     ? ? 
hydrog5  hydrog ? ? A DC 2 N4 ? ? ? 1_555 A DG  7 O6 ? ? A DC 2   A DG  7   8_665 ? ? ? ? ? ? WATSON-CRICK ?     ? ? 
hydrog6  hydrog ? ? A DC 2 O2 ? ? ? 1_555 A DG  7 N2 ? ? A DC 2   A DG  7   8_665 ? ? ? ? ? ? WATSON-CRICK ?     ? ? 
hydrog7  hydrog ? ? A DG 3 N2 ? ? ? 1_555 A DA  6 N7 ? ? A DG 3   A DA  6   8_665 ? ? ? ? ? ? TYPE_11_PAIR ?     ? ? 
hydrog8  hydrog ? ? A DG 3 N3 ? ? ? 1_555 A DA  6 N6 ? ? A DG 3   A DA  6   8_665 ? ? ? ? ? ? TYPE_11_PAIR ?     ? ? 
hydrog9  hydrog ? ? A DA 6 N6 ? ? ? 1_555 A DG  3 N3 ? ? A DA 6   A DG  3   8_665 ? ? ? ? ? ? TYPE_11_PAIR ?     ? ? 
hydrog10 hydrog ? ? A DA 6 N7 ? ? ? 1_555 A DG  3 N2 ? ? A DA 6   A DG  3   8_665 ? ? ? ? ? ? TYPE_11_PAIR ?     ? ? 
hydrog11 hydrog ? ? A DG 7 N1 ? ? ? 1_555 A DC  2 N3 ? ? A DG 7   A DC  2   8_665 ? ? ? ? ? ? WATSON-CRICK ?     ? ? 
hydrog12 hydrog ? ? A DG 7 N2 ? ? ? 1_555 A DC  2 O2 ? ? A DG 7   A DC  2   8_665 ? ? ? ? ? ? WATSON-CRICK ?     ? ? 
hydrog13 hydrog ? ? A DG 7 O6 ? ? ? 1_555 A DC  2 N4 ? ? A DG 7   A DC  2   8_665 ? ? ? ? ? ? WATSON-CRICK ?     ? ? 
hydrog14 hydrog ? ? A DC 8 N3 ? ? ? 1_555 A DG  1 N1 ? ? A DC 8   A DG  1   8_665 ? ? ? ? ? ? WATSON-CRICK ?     ? ? 
hydrog15 hydrog ? ? A DC 8 N4 ? ? ? 1_555 A DG  1 O6 ? ? A DC 8   A DG  1   8_665 ? ? ? ? ? ? WATSON-CRICK ?     ? ? 
hydrog16 hydrog ? ? A DC 8 O2 ? ? ? 1_555 A DG  1 N2 ? ? A DC 8   A DG  1   8_665 ? ? ? ? ? ? WATSON-CRICK ?     ? ? 
# 
loop_
_struct_conn_type.id 
_struct_conn_type.criteria 
_struct_conn_type.reference 
metalc ? ? 
hydrog ? ? 
# 
loop_
_struct_site.id 
_struct_site.pdbx_evidence_code 
_struct_site.pdbx_auth_asym_id 
_struct_site.pdbx_auth_comp_id 
_struct_site.pdbx_auth_seq_id 
_struct_site.pdbx_auth_ins_code 
_struct_site.pdbx_num_residues 
_struct_site.details 
AC1 Software A CL  9   ? 6  'BINDING SITE FOR RESIDUE CL A 9'    
AC2 Software A MG  767 ? 6  'BINDING SITE FOR RESIDUE MG A 767'  
AC3 Software A MG  768 ? 18 'BINDING SITE FOR RESIDUE MG A 768'  
AC4 Software A NCO 766 ? 6  'BINDING SITE FOR RESIDUE NCO A 766' 
# 
loop_
_struct_site_gen.id 
_struct_site_gen.site_id 
_struct_site_gen.pdbx_num_res 
_struct_site_gen.label_comp_id 
_struct_site_gen.label_asym_id 
_struct_site_gen.label_seq_id 
_struct_site_gen.pdbx_auth_ins_code 
_struct_site_gen.auth_comp_id 
_struct_site_gen.auth_asym_id 
_struct_site_gen.auth_seq_id 
_struct_site_gen.label_atom_id 
_struct_site_gen.label_alt_id 
_struct_site_gen.symmetry 
_struct_site_gen.details 
1  AC1 6  DA  A 4 ? DA  A 4   . ? 1_555 ? 
2  AC1 6  DA  A 4 ? DA  A 4   . ? 2_655 ? 
3  AC1 6  DA  A 4 ? DA  A 4   . ? 3_665 ? 
4  AC1 6  NCO E . ? NCO A 766 . ? 3_665 ? 
5  AC1 6  NCO E . ? NCO A 766 . ? 2_655 ? 
6  AC1 6  NCO E . ? NCO A 766 . ? 1_555 ? 
7  AC2 6  HOH F . ? HOH A 769 . ? 1_555 ? 
8  AC2 6  HOH F . ? HOH A 770 . ? 1_555 ? 
9  AC2 6  HOH F . ? HOH A 771 . ? 1_555 ? 
10 AC2 6  HOH F . ? HOH A 772 . ? 1_555 ? 
11 AC2 6  HOH F . ? HOH A 773 . ? 1_555 ? 
12 AC2 6  HOH F . ? HOH A 774 . ? 1_555 ? 
13 AC3 18 HOH F . ? HOH A 775 . ? 2_665 ? 
14 AC3 18 HOH F . ? HOH A 775 . ? 3_565 ? 
15 AC3 18 HOH F . ? HOH A 775 . ? 1_555 ? 
16 AC3 18 HOH F . ? HOH A 776 . ? 2_665 ? 
17 AC3 18 HOH F . ? HOH A 776 . ? 1_555 ? 
18 AC3 18 HOH F . ? HOH A 776 . ? 3_565 ? 
19 AC3 18 HOH F . ? HOH A 777 . ? 3_565 ? 
20 AC3 18 HOH F . ? HOH A 777 . ? 1_555 ? 
21 AC3 18 HOH F . ? HOH A 777 . ? 2_665 ? 
22 AC3 18 HOH F . ? HOH A 778 . ? 1_555 ? 
23 AC3 18 HOH F . ? HOH A 778 . ? 2_665 ? 
24 AC3 18 HOH F . ? HOH A 778 . ? 3_565 ? 
25 AC3 18 HOH F . ? HOH A 779 . ? 1_555 ? 
26 AC3 18 HOH F . ? HOH A 779 . ? 2_665 ? 
27 AC3 18 HOH F . ? HOH A 779 . ? 3_565 ? 
28 AC3 18 HOH F . ? HOH A 780 . ? 3_565 ? 
29 AC3 18 HOH F . ? HOH A 780 . ? 2_665 ? 
30 AC3 18 HOH F . ? HOH A 780 . ? 1_555 ? 
31 AC4 6  DG  A 3 ? DG  A 3   . ? 1_555 ? 
32 AC4 6  DG  A 3 ? DG  A 3   . ? 2_655 ? 
33 AC4 6  DG  A 3 ? DG  A 3   . ? 3_665 ? 
34 AC4 6  CL  B . ? CL  A 9   . ? 3_665 ? 
35 AC4 6  CL  B . ? CL  A 9   . ? 2_655 ? 
36 AC4 6  CL  B . ? CL  A 9   . ? 1_555 ? 
# 
_atom_sites.entry_id                    1UE3 
_atom_sites.fract_transf_matrix[1][1]   0.02937404 
_atom_sites.fract_transf_matrix[1][2]   -0.00861226 
_atom_sites.fract_transf_matrix[1][3]   -0.00419196 
_atom_sites.fract_transf_matrix[2][1]   0.02184647 
_atom_sites.fract_transf_matrix[2][2]   0.02135011 
_atom_sites.fract_transf_matrix[2][3]   -0.00463996 
_atom_sites.fract_transf_matrix[3][1]   0.00242457 
_atom_sites.fract_transf_matrix[3][2]   0.00083744 
_atom_sites.fract_transf_matrix[3][3]   0.01526904 
_atom_sites.fract_transf_vector[1]      0.541815 
_atom_sites.fract_transf_vector[2]      0.495380 
_atom_sites.fract_transf_vector[3]      0.250936 
# 
loop_
_atom_type.symbol 
C  
CL 
CO 
MG 
N  
O  
P  
# 
loop_
_atom_site.group_PDB 
_atom_site.id 
_atom_site.type_symbol 
_atom_site.label_atom_id 
_atom_site.label_alt_id 
_atom_site.label_comp_id 
_atom_site.label_asym_id 
_atom_site.label_entity_id 
_atom_site.label_seq_id 
_atom_site.pdbx_PDB_ins_code 
_atom_site.Cartn_x 
_atom_site.Cartn_y 
_atom_site.Cartn_z 
_atom_site.occupancy 
_atom_site.B_iso_or_equiv 
_atom_site.pdbx_formal_charge 
_atom_site.auth_seq_id 
_atom_site.auth_comp_id 
_atom_site.auth_asym_id 
_atom_site.auth_atom_id 
_atom_site.pdbx_PDB_model_num 
ATOM   1   O  "O5'" . DG  A 1 1 ? 0.120   -6.400  -19.094 1.00 41.71 ? 1   DG  A "O5'" 1 
ATOM   2   C  "C5'" . DG  A 1 1 ? 0.416   -6.730  -17.720 1.00 36.06 ? 1   DG  A "C5'" 1 
ATOM   3   C  "C4'" . DG  A 1 1 ? 1.865   -6.451  -17.404 1.00 34.58 ? 1   DG  A "C4'" 1 
ATOM   4   O  "O4'" . DG  A 1 1 ? 2.064   -5.034  -17.195 1.00 34.20 ? 1   DG  A "O4'" 1 
ATOM   5   C  "C3'" . DG  A 1 1 ? 2.376   -7.103  -16.126 1.00 36.80 ? 1   DG  A "C3'" 1 
ATOM   6   O  "O3'" . DG  A 1 1 ? 3.798   -7.263  -16.253 1.00 37.62 ? 1   DG  A "O3'" 1 
ATOM   7   C  "C2'" . DG  A 1 1 ? 2.010   -6.081  -15.058 1.00 33.36 ? 1   DG  A "C2'" 1 
ATOM   8   C  "C1'" . DG  A 1 1 ? 2.059   -4.738  -15.798 1.00 31.08 ? 1   DG  A "C1'" 1 
ATOM   9   N  N9    . DG  A 1 1 ? 0.947   -3.820  -15.541 1.00 29.61 ? 1   DG  A N9    1 
ATOM   10  C  C8    . DG  A 1 1 ? -0.390  -4.137  -15.421 1.00 28.68 ? 1   DG  A C8    1 
ATOM   11  N  N7    . DG  A 1 1 ? -1.147  -3.088  -15.228 1.00 27.32 ? 1   DG  A N7    1 
ATOM   12  C  C5    . DG  A 1 1 ? -0.265  -2.018  -15.199 1.00 25.34 ? 1   DG  A C5    1 
ATOM   13  C  C6    . DG  A 1 1 ? -0.508  -0.613  -14.989 1.00 26.07 ? 1   DG  A C6    1 
ATOM   14  O  O6    . DG  A 1 1 ? -1.587  -0.034  -14.756 1.00 25.23 ? 1   DG  A O6    1 
ATOM   15  N  N1    . DG  A 1 1 ? 0.665   0.115   -15.037 1.00 21.41 ? 1   DG  A N1    1 
ATOM   16  C  C2    . DG  A 1 1 ? 1.926   -0.421  -15.213 1.00 26.48 ? 1   DG  A C2    1 
ATOM   17  N  N2    . DG  A 1 1 ? 2.956   0.443   -15.145 1.00 25.26 ? 1   DG  A N2    1 
ATOM   18  N  N3    . DG  A 1 1 ? 2.164   -1.711  -15.417 1.00 25.14 ? 1   DG  A N3    1 
ATOM   19  C  C4    . DG  A 1 1 ? 1.031   -2.447  -15.391 1.00 26.77 ? 1   DG  A C4    1 
ATOM   20  P  P     . DC  A 1 2 ? 4.629   -8.040  -15.112 1.00 41.40 ? 2   DC  A P     1 
ATOM   21  O  OP1   . DC  A 1 2 ? 5.805   -8.633  -15.792 1.00 40.54 ? 2   DC  A OP1   1 
ATOM   22  O  OP2   . DC  A 1 2 ? 3.714   -8.908  -14.313 1.00 39.10 ? 2   DC  A OP2   1 
ATOM   23  O  "O5'" . DC  A 1 2 ? 5.141   -6.880  -14.154 1.00 38.75 ? 2   DC  A "O5'" 1 
ATOM   24  C  "C5'" . DC  A 1 2 ? 5.985   -5.847  -14.646 1.00 36.15 ? 2   DC  A "C5'" 1 
ATOM   25  C  "C4'" . DC  A 1 2 ? 6.042   -4.722  -13.640 1.00 36.70 ? 2   DC  A "C4'" 1 
ATOM   26  O  "O4'" . DC  A 1 2 ? 4.798   -3.973  -13.595 1.00 32.12 ? 2   DC  A "O4'" 1 
ATOM   27  C  "C3'" . DC  A 1 2 ? 6.330   -5.178  -12.206 1.00 36.91 ? 2   DC  A "C3'" 1 
ATOM   28  O  "O3'" . DC  A 1 2 ? 7.447   -4.420  -11.727 1.00 43.19 ? 2   DC  A "O3'" 1 
ATOM   29  C  "C2'" . DC  A 1 2 ? 5.061   -4.822  -11.440 1.00 33.89 ? 2   DC  A "C2'" 1 
ATOM   30  C  "C1'" . DC  A 1 2 ? 4.532   -3.638  -12.240 1.00 31.34 ? 2   DC  A "C1'" 1 
ATOM   31  N  N1    . DC  A 1 2 ? 3.084   -3.315  -12.095 1.00 27.12 ? 2   DC  A N1    1 
ATOM   32  C  C2    . DC  A 1 2 ? 2.689   -1.950  -12.118 1.00 28.63 ? 2   DC  A C2    1 
ATOM   33  O  O2    . DC  A 1 2 ? 3.565   -1.078  -12.239 1.00 29.43 ? 2   DC  A O2    1 
ATOM   34  N  N3    . DC  A 1 2 ? 1.366   -1.631  -11.999 1.00 23.53 ? 2   DC  A N3    1 
ATOM   35  C  C4    . DC  A 1 2 ? 0.459   -2.604  -11.850 1.00 25.20 ? 2   DC  A C4    1 
ATOM   36  N  N4    . DC  A 1 2 ? -0.816  -2.260  -11.764 1.00 22.06 ? 2   DC  A N4    1 
ATOM   37  C  C5    . DC  A 1 2 ? 0.834   -3.991  -11.799 1.00 26.54 ? 2   DC  A C5    1 
ATOM   38  C  C6    . DC  A 1 2 ? 2.146   -4.294  -11.937 1.00 27.66 ? 2   DC  A C6    1 
ATOM   39  P  P     . DG  A 1 3 ? 8.154   -4.819  -10.345 1.00 46.34 ? 3   DG  A P     1 
ATOM   40  O  OP1   . DG  A 1 3 ? 9.554   -4.343  -10.438 1.00 46.42 ? 3   DG  A OP1   1 
ATOM   41  O  OP2   . DG  A 1 3 ? 7.862   -6.255  -10.066 1.00 44.78 ? 3   DG  A OP2   1 
ATOM   42  O  "O5'" . DG  A 1 3 ? 7.384   -3.915  -9.280  1.00 44.25 ? 3   DG  A "O5'" 1 
ATOM   43  C  "C5'" . DG  A 1 3 ? 7.186   -2.525  -9.540  1.00 41.11 ? 3   DG  A "C5'" 1 
ATOM   44  C  "C4'" . DG  A 1 3 ? 6.091   -1.977  -8.659  1.00 37.89 ? 3   DG  A "C4'" 1 
ATOM   45  O  "O4'" . DG  A 1 3 ? 4.808   -2.561  -9.004  1.00 34.06 ? 3   DG  A "O4'" 1 
ATOM   46  C  "C3'" . DG  A 1 3 ? 6.282   -2.244  -7.163  1.00 38.41 ? 3   DG  A "C3'" 1 
ATOM   47  O  "O3'" . DG  A 1 3 ? 5.787   -1.105  -6.477  1.00 38.41 ? 3   DG  A "O3'" 1 
ATOM   48  C  "C2'" . DG  A 1 3 ? 5.342   -3.410  -6.911  1.00 37.13 ? 3   DG  A "C2'" 1 
ATOM   49  C  "C1'" . DG  A 1 3 ? 4.200   -2.960  -7.795  1.00 34.88 ? 3   DG  A "C1'" 1 
ATOM   50  N  N9    . DG  A 1 3 ? 3.158   -3.931  -8.086  1.00 33.61 ? 3   DG  A N9    1 
ATOM   51  C  C8    . DG  A 1 3 ? 3.266   -5.306  -8.212  1.00 34.32 ? 3   DG  A C8    1 
ATOM   52  N  N7    . DG  A 1 3 ? 2.115   -5.888  -8.411  1.00 33.19 ? 3   DG  A N7    1 
ATOM   53  C  C5    . DG  A 1 3 ? 1.203   -4.833  -8.433  1.00 33.91 ? 3   DG  A C5    1 
ATOM   54  C  C6    . DG  A 1 3 ? -0.206  -4.833  -8.597  1.00 34.03 ? 3   DG  A C6    1 
ATOM   55  O  O6    . DG  A 1 3 ? -0.963  -5.805  -8.763  1.00 36.40 ? 3   DG  A O6    1 
ATOM   56  N  N1    . DG  A 1 3 ? -0.728  -3.536  -8.549  1.00 32.03 ? 3   DG  A N1    1 
ATOM   57  C  C2    . DG  A 1 3 ? 0.015   -2.388  -8.358  1.00 32.92 ? 3   DG  A C2    1 
ATOM   58  N  N2    . DG  A 1 3 ? -0.660  -1.202  -8.331  1.00 29.00 ? 3   DG  A N2    1 
ATOM   59  N  N3    . DG  A 1 3 ? 1.324   -2.388  -8.204  1.00 29.78 ? 3   DG  A N3    1 
ATOM   60  C  C4    . DG  A 1 3 ? 1.844   -3.626  -8.250  1.00 31.57 ? 3   DG  A C4    1 
ATOM   61  P  P     . DA  A 1 4 ? 6.363   -0.717  -5.038  1.00 42.43 ? 4   DA  A P     1 
ATOM   62  O  OP1   . DA  A 1 4 ? 7.574   0.095   -5.289  1.00 44.00 ? 4   DA  A OP1   1 
ATOM   63  O  OP2   . DA  A 1 4 ? 6.466   -1.944  -4.201  1.00 43.21 ? 4   DA  A OP2   1 
ATOM   64  O  "O5'" . DA  A 1 4 ? 5.209   0.220   -4.442  1.00 40.95 ? 4   DA  A "O5'" 1 
ATOM   65  C  "C5'" . DA  A 1 4 ? 4.638   1.279   -5.227  1.00 36.92 ? 4   DA  A "C5'" 1 
ATOM   66  C  "C4'" . DA  A 1 4 ? 3.127   1.300   -5.088  1.00 36.66 ? 4   DA  A "C4'" 1 
ATOM   67  O  "O4'" . DA  A 1 4 ? 2.505   0.218   -5.815  1.00 33.52 ? 4   DA  A "O4'" 1 
ATOM   68  C  "C3'" . DA  A 1 4 ? 2.581   1.212   -3.671  1.00 38.36 ? 4   DA  A "C3'" 1 
ATOM   69  O  "O3'" A DA  A 1 4 ? 2.503   2.529   -3.134  0.50 38.47 ? 4   DA  A "O3'" 1 
ATOM   70  O  "O3'" B DA  A 1 4 ? 2.422   2.515   -3.102  0.50 39.97 ? 4   DA  A "O3'" 1 
ATOM   71  C  "C2'" . DA  A 1 4 ? 1.202   0.592   -3.859  1.00 36.83 ? 4   DA  A "C2'" 1 
ATOM   72  C  "C1'" . DA  A 1 4 ? 1.313   -0.195  -5.166  1.00 35.81 ? 4   DA  A "C1'" 1 
ATOM   73  N  N9    . DA  A 1 4 ? 1.424   -1.635  -4.983  1.00 36.31 ? 4   DA  A N9    1 
ATOM   74  C  C8    . DA  A 1 4 ? 2.584   -2.335  -4.765  1.00 36.20 ? 4   DA  A C8    1 
ATOM   75  N  N7    . DA  A 1 4 ? 2.413   -3.629  -4.705  1.00 37.53 ? 4   DA  A N7    1 
ATOM   76  C  C5    . DA  A 1 4 ? 1.045   -3.792  -4.875  1.00 35.54 ? 4   DA  A C5    1 
ATOM   77  C  C6    . DA  A 1 4 ? 0.233   -4.935  -4.897  1.00 37.84 ? 4   DA  A C6    1 
ATOM   78  N  N6    . DA  A 1 4 ? 0.711   -6.189  -4.766  1.00 35.05 ? 4   DA  A N6    1 
ATOM   79  N  N1    . DA  A 1 4 ? -1.099  -4.753  -5.059  1.00 36.33 ? 4   DA  A N1    1 
ATOM   80  C  C2    . DA  A 1 4 ? -1.565  -3.499  -5.193  1.00 38.32 ? 4   DA  A C2    1 
ATOM   81  N  N3    . DA  A 1 4 ? -0.894  -2.343  -5.191  1.00 36.55 ? 4   DA  A N3    1 
ATOM   82  C  C4    . DA  A 1 4 ? 0.422   -2.568  -5.026  1.00 35.74 ? 4   DA  A C4    1 
ATOM   83  P  P     A DA  A 1 5 ? 3.222   2.854   -1.738  0.50 41.04 ? 5   DA  A P     1 
ATOM   84  P  P     B DA  A 1 5 ? 2.887   2.790   -1.583  0.50 43.23 ? 5   DA  A P     1 
ATOM   85  O  OP1   A DA  A 1 5 ? 2.919   4.271   -1.390  0.50 41.11 ? 5   DA  A OP1   1 
ATOM   86  O  OP1   B DA  A 1 5 ? 3.293   4.221   -1.511  0.50 43.80 ? 5   DA  A OP1   1 
ATOM   87  O  OP2   A DA  A 1 5 ? 4.635   2.399   -1.806  0.50 38.86 ? 5   DA  A OP2   1 
ATOM   88  O  OP2   B DA  A 1 5 ? 3.866   1.739   -1.226  0.50 41.49 ? 5   DA  A OP2   1 
ATOM   89  O  "O5'" A DA  A 1 5 ? 2.455   1.904   -0.727  0.50 39.95 ? 5   DA  A "O5'" 1 
ATOM   90  O  "O5'" B DA  A 1 5 ? 1.566   2.601   -0.704  0.50 43.40 ? 5   DA  A "O5'" 1 
ATOM   91  C  "C5'" A DA  A 1 5 ? 2.384   2.202   0.655   0.50 42.28 ? 5   DA  A "C5'" 1 
ATOM   92  C  "C5'" B DA  A 1 5 ? 1.083   1.297   -0.383  0.50 45.49 ? 5   DA  A "C5'" 1 
ATOM   93  C  "C4'" A DA  A 1 5 ? 1.206   1.480   1.266   0.50 44.25 ? 5   DA  A "C4'" 1 
ATOM   94  C  "C4'" B DA  A 1 5 ? 0.199   1.326   0.845   0.50 45.65 ? 5   DA  A "C4'" 1 
ATOM   95  O  "O4'" A DA  A 1 5 ? 1.235   0.081   0.908   0.50 44.13 ? 5   DA  A "O4'" 1 
ATOM   96  O  "O4'" B DA  A 1 5 ? -0.063  -0.058  1.185   0.50 45.73 ? 5   DA  A "O4'" 1 
ATOM   97  C  "C3'" A DA  A 1 5 ? 1.164   1.538   2.791   0.50 44.84 ? 5   DA  A "C3'" 1 
ATOM   98  C  "C3'" B DA  A 1 5 ? 0.858   1.897   2.101   0.50 46.33 ? 5   DA  A "C3'" 1 
ATOM   99  O  "O3'" A DA  A 1 5 ? -0.083  2.087   3.205   0.50 45.23 ? 5   DA  A "O3'" 1 
ATOM   100 O  "O3'" B DA  A 1 5 ? -0.140  2.135   3.106   0.50 45.74 ? 5   DA  A "O3'" 1 
ATOM   101 C  "C2'" A DA  A 1 5 ? 1.303   0.090   3.230   0.50 45.21 ? 5   DA  A "C2'" 1 
ATOM   102 C  "C2'" B DA  A 1 5 ? 1.697   0.723   2.556   0.50 45.71 ? 5   DA  A "C2'" 1 
ATOM   103 C  "C1'" A DA  A 1 5 ? 0.821   -0.685  2.021   0.50 44.73 ? 5   DA  A "C1'" 1 
ATOM   104 C  "C1'" B DA  A 1 5 ? 0.712   -0.416  2.331   0.50 45.56 ? 5   DA  A "C1'" 1 
ATOM   105 N  N9    A DA  A 1 5 ? 1.422   -2.011  1.906   0.50 45.41 ? 5   DA  A N9    1 
ATOM   106 N  N9    B DA  A 1 5 ? 1.336   -1.715  2.084   0.50 45.54 ? 5   DA  A N9    1 
ATOM   107 C  C8    A DA  A 1 5 ? 2.759   -2.330  1.839   0.50 45.69 ? 5   DA  A C8    1 
ATOM   108 C  C8    B DA  A 1 5 ? 2.677   -1.997  1.966   0.50 45.89 ? 5   DA  A C8    1 
ATOM   109 N  N7    A DA  A 1 5 ? 2.992   -3.619  1.767   0.50 46.78 ? 5   DA  A N7    1 
ATOM   110 N  N7    B DA  A 1 5 ? 2.937   -3.269  1.789   0.50 46.65 ? 5   DA  A N7    1 
ATOM   111 C  C5    A DA  A 1 5 ? 1.725   -4.186  1.785   0.50 46.51 ? 5   DA  A C5    1 
ATOM   112 C  C5    B DA  A 1 5 ? 1.682   -3.866  1.785   0.50 46.47 ? 5   DA  A C5    1 
ATOM   113 C  C6    A DA  A 1 5 ? 1.288   -5.518  1.737   0.50 47.39 ? 5   DA  A C6    1 
ATOM   114 C  C6    B DA  A 1 5 ? 1.272   -5.202  1.650   0.50 46.83 ? 5   DA  A C6    1 
ATOM   115 N  N6    A DA  A 1 5 ? 2.114   -6.564  1.673   0.50 48.33 ? 5   DA  A N6    1 
ATOM   116 N  N6    B DA  A 1 5 ? 2.115   -6.226  1.503   0.50 48.19 ? 5   DA  A N6    1 
ATOM   117 N  N1    A DA  A 1 5 ? -0.045  -5.745  1.760   0.50 47.53 ? 5   DA  A N1    1 
ATOM   118 N  N1    B DA  A 1 5 ? -0.056  -5.456  1.675   0.50 46.92 ? 5   DA  A N1    1 
ATOM   119 C  C2    A DA  A 1 5 ? -0.872  -4.696  1.830   0.50 46.74 ? 5   DA  A C2    1 
ATOM   120 C  C2    B DA  A 1 5 ? -0.903  -4.433  1.833   0.50 46.42 ? 5   DA  A C2    1 
ATOM   121 N  N3    A DA  A 1 5 ? -0.582  -3.397  1.885   0.50 46.74 ? 5   DA  A N3    1 
ATOM   122 N  N3    B DA  A 1 5 ? -0.639  -3.136  1.981   0.50 46.35 ? 5   DA  A N3    1 
ATOM   123 C  C4    A DA  A 1 5 ? 0.750   -3.208  1.859   0.50 46.44 ? 5   DA  A C4    1 
ATOM   124 C  C4    B DA  A 1 5 ? 0.687   -2.917  1.949   0.50 46.34 ? 5   DA  A C4    1 
ATOM   125 P  P     . DA  A 1 6 ? -0.101  3.494   3.977   1.00 46.50 ? 6   DA  A P     1 
ATOM   126 O  OP1   . DA  A 1 6 ? 0.107   4.592   2.996   1.00 45.78 ? 6   DA  A OP1   1 
ATOM   127 O  OP2   . DA  A 1 6 ? 0.837   3.346   5.118   1.00 43.68 ? 6   DA  A OP2   1 
ATOM   128 O  "O5'" . DA  A 1 6 ? -1.585  3.598   4.546   1.00 44.11 ? 6   DA  A "O5'" 1 
ATOM   129 C  "C5'" . DA  A 1 6 ? -2.686  3.786   3.665   1.00 41.00 ? 6   DA  A "C5'" 1 
ATOM   130 C  "C4'" . DA  A 1 6 ? -3.888  4.275   4.438   1.00 37.81 ? 6   DA  A "C4'" 1 
ATOM   131 O  "O4'" . DA  A 1 6 ? -4.401  3.206   5.266   1.00 35.62 ? 6   DA  A "O4'" 1 
ATOM   132 C  "C3'" . DA  A 1 6 ? -3.589  5.431   5.395   1.00 37.75 ? 6   DA  A "C3'" 1 
ATOM   133 O  "O3'" . DA  A 1 6 ? -4.761  6.258   5.530   1.00 39.42 ? 6   DA  A "O3'" 1 
ATOM   134 C  "C2'" . DA  A 1 6 ? -3.296  4.716   6.702   1.00 33.47 ? 6   DA  A "C2'" 1 
ATOM   135 C  "C1'" . DA  A 1 6 ? -4.298  3.564   6.639   1.00 34.61 ? 6   DA  A "C1'" 1 
ATOM   136 N  N9    . DA  A 1 6 ? -3.902  2.356   7.352   1.00 33.56 ? 6   DA  A N9    1 
ATOM   137 C  C8    . DA  A 1 6 ? -2.658  1.804   7.449   1.00 29.56 ? 6   DA  A C8    1 
ATOM   138 N  N7    . DA  A 1 6 ? -2.644  0.647   8.062   1.00 30.66 ? 6   DA  A N7    1 
ATOM   139 C  C5    . DA  A 1 6 ? -3.967  0.439   8.417   1.00 30.61 ? 6   DA  A C5    1 
ATOM   140 C  C6    . DA  A 1 6 ? -4.619  -0.619  9.079   1.00 32.51 ? 6   DA  A C6    1 
ATOM   141 N  N6    . DA  A 1 6 ? -4.006  -1.750  9.459   1.00 29.45 ? 6   DA  A N6    1 
ATOM   142 N  N1    . DA  A 1 6 ? -5.947  -0.487  9.313   1.00 31.22 ? 6   DA  A N1    1 
ATOM   143 C  C2    . DA  A 1 6 ? -6.572  0.607   8.864   1.00 33.05 ? 6   DA  A C2    1 
ATOM   144 N  N3    . DA  A 1 6 ? -6.070  1.652   8.196   1.00 33.10 ? 6   DA  A N3    1 
ATOM   145 C  C4    . DA  A 1 6 ? -4.749  1.502   8.012   1.00 32.49 ? 6   DA  A C4    1 
ATOM   146 P  P     . DG  A 1 7 ? -4.645  7.697   6.244   1.00 39.06 ? 7   DG  A P     1 
ATOM   147 O  OP1   . DG  A 1 7 ? -5.521  8.626   5.484   1.00 42.61 ? 7   DG  A OP1   1 
ATOM   148 O  OP2   . DG  A 1 7 ? -3.187  8.021   6.401   1.00 40.71 ? 7   DG  A OP2   1 
ATOM   149 O  "O5'" . DG  A 1 7 ? -5.278  7.448   7.680   1.00 36.84 ? 7   DG  A "O5'" 1 
ATOM   150 C  "C5'" . DG  A 1 7 ? -6.502  6.724   7.826   1.00 37.41 ? 7   DG  A "C5'" 1 
ATOM   151 C  "C4'" . DG  A 1 7 ? -6.566  6.083   9.192   1.00 37.76 ? 7   DG  A "C4'" 1 
ATOM   152 O  "O4'" . DG  A 1 7 ? -5.626  4.982   9.319   1.00 35.57 ? 7   DG  A "O4'" 1 
ATOM   153 C  "C3'" . DG  A 1 7 ? -6.244  7.052   10.333  1.00 37.62 ? 7   DG  A "C3'" 1 
ATOM   154 O  "O3'" . DG  A 1 7 ? -7.402  7.192   11.161  1.00 43.40 ? 7   DG  A "O3'" 1 
ATOM   155 C  "C2'" . DG  A 1 7 ? -5.128  6.373   11.115  1.00 34.74 ? 7   DG  A "C2'" 1 
ATOM   156 C  "C1'" . DG  A 1 7 ? -5.218  4.918   10.671  1.00 33.51 ? 7   DG  A "C1'" 1 
ATOM   157 N  N9    . DG  A 1 7 ? -3.940  4.214   10.718  1.00 30.98 ? 7   DG  A N9    1 
ATOM   158 C  C8    . DG  A 1 7 ? -2.698  4.720   10.368  1.00 30.13 ? 7   DG  A C8    1 
ATOM   159 N  N7    . DG  A 1 7 ? -1.735  3.847   10.501  1.00 27.86 ? 7   DG  A N7    1 
ATOM   160 C  C5    . DG  A 1 7 ? -2.372  2.699   10.972  1.00 28.63 ? 7   DG  A C5    1 
ATOM   161 C  C6    . DG  A 1 7 ? -1.838  1.404   11.308  1.00 27.76 ? 7   DG  A C6    1 
ATOM   162 O  O6    . DG  A 1 7 ? -0.653  1.004   11.220  1.00 27.75 ? 7   DG  A O6    1 
ATOM   163 N  N1    . DG  A 1 7 ? -2.831  0.546   11.772  1.00 24.90 ? 7   DG  A N1    1 
ATOM   164 C  C2    . DG  A 1 7 ? -4.168  0.870   11.883  1.00 27.82 ? 7   DG  A C2    1 
ATOM   165 N  N2    . DG  A 1 7 ? -4.963  -0.089  12.357  1.00 30.99 ? 7   DG  A N2    1 
ATOM   166 N  N3    . DG  A 1 7 ? -4.683  2.055   11.551  1.00 27.91 ? 7   DG  A N3    1 
ATOM   167 C  C4    . DG  A 1 7 ? -3.735  2.913   11.112  1.00 28.98 ? 7   DG  A C4    1 
ATOM   168 P  P     . DC  A 1 8 ? -7.437  8.316   12.308  1.00 43.52 ? 8   DC  A P     1 
ATOM   169 O  OP1   . DC  A 1 8 ? -8.743  9.018   12.145  1.00 43.42 ? 8   DC  A OP1   1 
ATOM   170 O  OP2   . DC  A 1 8 ? -6.169  9.091   12.267  1.00 38.76 ? 8   DC  A OP2   1 
ATOM   171 O  "O5'" . DC  A 1 8 ? -7.502  7.469   13.650  1.00 40.86 ? 8   DC  A "O5'" 1 
ATOM   172 C  "C5'" . DC  A 1 8 ? -8.601  6.606   13.876  1.00 41.37 ? 8   DC  A "C5'" 1 
ATOM   173 C  "C4'" . DC  A 1 8 ? -8.161  5.402   14.671  1.00 40.34 ? 8   DC  A "C4'" 1 
ATOM   174 O  "O4'" . DC  A 1 8 ? -7.117  4.689   13.982  1.00 38.98 ? 8   DC  A "O4'" 1 
ATOM   175 C  "C3'" . DC  A 1 8 ? -7.538  5.692   16.024  1.00 39.96 ? 8   DC  A "C3'" 1 
ATOM   176 O  "O3'" . DC  A 1 8 ? -8.527  6.132   16.972  1.00 42.09 ? 8   DC  A "O3'" 1 
ATOM   177 C  "C2'" . DC  A 1 8 ? -6.892  4.351   16.332  1.00 39.29 ? 8   DC  A "C2'" 1 
ATOM   178 C  "C1'" . DC  A 1 8 ? -6.526  3.810   14.937  1.00 35.47 ? 8   DC  A "C1'" 1 
ATOM   179 N  N1    . DC  A 1 8 ? -5.079  3.740   14.665  1.00 31.78 ? 8   DC  A N1    1 
ATOM   180 C  C2    . DC  A 1 8 ? -4.414  2.521   14.885  1.00 28.80 ? 8   DC  A C2    1 
ATOM   181 O  O2    . DC  A 1 8 ? -5.076  1.535   15.262  1.00 24.33 ? 8   DC  A O2    1 
ATOM   182 N  N3    . DC  A 1 8 ? -3.069  2.449   14.687  1.00 23.75 ? 8   DC  A N3    1 
ATOM   183 C  C4    . DC  A 1 8 ? -2.404  3.518   14.266  1.00 27.09 ? 8   DC  A C4    1 
ATOM   184 N  N4    . DC  A 1 8 ? -1.085  3.392   14.077  1.00 27.16 ? 8   DC  A N4    1 
ATOM   185 C  C5    . DC  A 1 8 ? -3.063  4.773   14.008  1.00 28.05 ? 8   DC  A C5    1 
ATOM   186 C  C6    . DC  A 1 8 ? -4.389  4.836   14.221  1.00 29.70 ? 8   DC  A C6    1 
HETATM 187 CL CL    . CL  B 2 . ? 0.748   -9.463  -5.098  0.33 34.93 ? 9   CL  A CL    1 
HETATM 188 MG MG    . MG  C 3 . ? 2.458   3.570   10.297  1.00 58.69 ? 767 MG  A MG    1 
HETATM 189 MG MG    . MG  D 3 . ? -3.063  11.961  3.699   0.33 74.75 ? 768 MG  A MG    1 
HETATM 190 CO CO    . NCO E 4 . ? 0.126   -9.677  -9.014  0.33 21.82 ? 766 NCO A CO    1 
HETATM 191 N  N1    . NCO E 4 . ? -0.170  -8.157  -10.215 0.33 22.93 ? 766 NCO A N1    1 
HETATM 192 N  N2    . NCO E 4 . ? -1.366  -10.596 -9.892  0.33 22.88 ? 766 NCO A N2    1 
HETATM 193 N  N3    . NCO E 4 . ? -1.108  -8.873  -7.721  0.33 23.70 ? 766 NCO A N3    1 
HETATM 194 N  N4    . NCO E 4 . ? 1.619   -8.734  -8.164  0.33 23.74 ? 766 NCO A N4    1 
HETATM 195 N  N5    . NCO E 4 . ? 1.350   -10.446 -10.337 0.33 22.90 ? 766 NCO A N5    1 
HETATM 196 N  N6    . NCO E 4 . ? 0.379   -11.192 -7.797  0.33 23.61 ? 766 NCO A N6    1 
HETATM 197 O  O     . HOH F 5 . ? 1.566   2.191   9.035   1.00 58.77 ? 769 HOH A O     1 
HETATM 198 O  O     . HOH F 5 . ? 4.093   2.327   10.543  1.00 59.98 ? 770 HOH A O     1 
HETATM 199 O  O     . HOH F 5 . ? 1.519   2.686   11.903  1.00 58.77 ? 771 HOH A O     1 
HETATM 200 O  O     . HOH F 5 . ? 3.332   4.940   11.560  1.00 59.99 ? 772 HOH A O     1 
HETATM 201 O  O     . HOH F 5 . ? 0.838   4.820   10.054  1.00 58.46 ? 773 HOH A O     1 
HETATM 202 O  O     . HOH F 5 . ? 3.391   4.462   8.688   1.00 59.24 ? 774 HOH A O     1 
HETATM 203 O  O     . HOH F 5 . ? -2.209  10.653  2.356   0.33 74.74 ? 775 HOH A O     1 
HETATM 204 O  O     . HOH F 5 . ? -2.918  13.478  2.314   0.33 74.72 ? 776 HOH A O     1 
HETATM 205 O  O     . HOH F 5 . ? -1.194  12.441  4.420   0.33 74.50 ? 777 HOH A O     1 
HETATM 206 O  O     . HOH F 5 . ? -3.918  13.269  5.041   0.33 74.52 ? 778 HOH A O     1 
HETATM 207 O  O     . HOH F 5 . ? -3.208  10.443  5.084   0.33 74.50 ? 779 HOH A O     1 
HETATM 208 O  O     . HOH F 5 . ? -4.932  11.481  2.977   0.33 74.78 ? 780 HOH A O     1 
HETATM 209 O  O     . HOH F 5 . ? 1.881   -9.072  2.035   0.33 45.03 ? 781 HOH A O     1 
HETATM 210 O  O     . HOH F 5 . ? -4.770  0.118   -15.683 0.50 50.28 ? 782 HOH A O     1 
HETATM 211 O  O     . HOH F 5 . ? 3.092   -7.660  -11.653 1.00 26.93 ? 783 HOH A O     1 
HETATM 212 O  O     . HOH F 5 . ? 4.055   -11.143 -12.617 1.00 30.09 ? 784 HOH A O     1 
HETATM 213 O  O     . HOH F 5 . ? 7.586   -9.812  -9.866  1.00 29.50 ? 785 HOH A O     1 
HETATM 214 O  O     . HOH F 5 . ? 5.110   -8.054  -9.873  1.00 38.95 ? 786 HOH A O     1 
HETATM 215 O  O     . HOH F 5 . ? -3.575  -6.175  -4.980  1.00 42.20 ? 787 HOH A O     1 
HETATM 216 O  O     . HOH F 5 . ? 0.329   5.675   13.551  1.00 41.49 ? 788 HOH A O     1 
HETATM 217 O  O     . HOH F 5 . ? -6.922  4.054   19.642  1.00 26.97 ? 789 HOH A O     1 
HETATM 218 O  O     . HOH F 5 . ? 2.461   1.033   13.456  1.00 41.54 ? 790 HOH A O     1 
HETATM 219 O  O     . HOH F 5 . ? -7.282  2.216   12.091  1.00 39.77 ? 791 HOH A O     1 
HETATM 220 O  O     . HOH F 5 . ? -0.856  7.566   12.356  1.00 45.07 ? 792 HOH A O     1 
HETATM 221 O  O     . HOH F 5 . ? -7.593  -2.189  10.547  1.00 38.54 ? 793 HOH A O     1 
HETATM 222 O  O     . HOH F 5 . ? 6.523   -7.513  -18.038 1.00 43.77 ? 794 HOH A O     1 
HETATM 223 O  O     . HOH F 5 . ? -2.099  7.376   8.499   1.00 50.15 ? 795 HOH A O     1 
HETATM 224 O  O     . HOH F 5 . ? 7.063   3.198   -2.227  1.00 48.20 ? 796 HOH A O     1 
HETATM 225 O  O     . HOH F 5 . ? -6.455  10.827  7.281   1.00 49.89 ? 797 HOH A O     1 
HETATM 226 O  O     . HOH F 5 . ? -7.977  7.837   4.512   1.00 48.28 ? 798 HOH A O     1 
HETATM 227 O  O     . HOH F 5 . ? -2.934  -2.203  1.197   1.00 50.84 ? 799 HOH A O     1 
HETATM 228 O  O     . HOH F 5 . ? 1.766   6.031   16.123  1.00 36.47 ? 800 HOH A O     1 
HETATM 229 O  O     . HOH F 5 . ? -7.043  3.966   22.561  1.00 69.56 ? 801 HOH A O     1 
HETATM 230 O  O     . HOH F 5 . ? 10.912  -5.291  -8.853  1.00 43.93 ? 802 HOH A O     1 
HETATM 231 O  O     . HOH F 5 . ? 0.089   10.013  13.739  1.00 43.11 ? 803 HOH A O     1 
HETATM 232 O  O     . HOH F 5 . ? -4.261  9.795   11.310  1.00 40.17 ? 804 HOH A O     1 
HETATM 233 O  O     . HOH F 5 . ? 2.581   4.200   14.013  1.00 73.22 ? 805 HOH A O     1 
HETATM 234 O  O     . HOH F 5 . ? 5.692   1.044   13.234  1.00 64.67 ? 806 HOH A O     1 
HETATM 235 O  O     . HOH F 5 . ? 7.429   4.160   0.738   1.00 73.40 ? 807 HOH A O     1 
HETATM 236 O  O     . HOH F 5 . ? -10.003 4.518   22.900  1.00 42.83 ? 808 HOH A O     1 
# 
loop_
_pdbx_poly_seq_scheme.asym_id 
_pdbx_poly_seq_scheme.entity_id 
_pdbx_poly_seq_scheme.seq_id 
_pdbx_poly_seq_scheme.mon_id 
_pdbx_poly_seq_scheme.ndb_seq_num 
_pdbx_poly_seq_scheme.pdb_seq_num 
_pdbx_poly_seq_scheme.auth_seq_num 
_pdbx_poly_seq_scheme.pdb_mon_id 
_pdbx_poly_seq_scheme.auth_mon_id 
_pdbx_poly_seq_scheme.pdb_strand_id 
_pdbx_poly_seq_scheme.pdb_ins_code 
_pdbx_poly_seq_scheme.hetero 
A 1 1 DG 1 1 1 DG G A . n 
A 1 2 DC 2 2 2 DC C A . n 
A 1 3 DG 3 3 3 DG G A . n 
A 1 4 DA 4 4 4 DA A A . n 
A 1 5 DA 5 5 5 DA A A . n 
A 1 6 DA 6 6 6 DA A A . n 
A 1 7 DG 7 7 7 DG G A . n 
A 1 8 DC 8 8 8 DC C A . n 
# 
loop_
_pdbx_nonpoly_scheme.asym_id 
_pdbx_nonpoly_scheme.entity_id 
_pdbx_nonpoly_scheme.mon_id 
_pdbx_nonpoly_scheme.ndb_seq_num 
_pdbx_nonpoly_scheme.pdb_seq_num 
_pdbx_nonpoly_scheme.auth_seq_num 
_pdbx_nonpoly_scheme.pdb_mon_id 
_pdbx_nonpoly_scheme.auth_mon_id 
_pdbx_nonpoly_scheme.pdb_strand_id 
_pdbx_nonpoly_scheme.pdb_ins_code 
B 2 CL  1  9   1   CL  CL  A . 
C 3 MG  1  767 767 MG  MO6 A . 
D 3 MG  1  768 768 MG  MO6 A . 
E 4 NCO 1  766 766 NCO NCO A . 
F 5 HOH 1  769 767 HOH MO6 A . 
F 5 HOH 2  770 767 HOH MO6 A . 
F 5 HOH 3  771 767 HOH MO6 A . 
F 5 HOH 4  772 767 HOH MO6 A . 
F 5 HOH 5  773 767 HOH MO6 A . 
F 5 HOH 6  774 767 HOH MO6 A . 
F 5 HOH 7  775 768 HOH MO6 A . 
F 5 HOH 8  776 768 HOH MO6 A . 
F 5 HOH 9  777 768 HOH MO6 A . 
F 5 HOH 10 778 768 HOH MO6 A . 
F 5 HOH 11 779 768 HOH MO6 A . 
F 5 HOH 12 780 768 HOH MO6 A . 
F 5 HOH 13 781 2   HOH HOH A . 
F 5 HOH 14 782 4   HOH HOH A . 
F 5 HOH 15 783 5   HOH HOH A . 
F 5 HOH 16 784 6   HOH HOH A . 
F 5 HOH 17 785 8   HOH HOH A . 
F 5 HOH 18 786 9   HOH HOH A . 
F 5 HOH 19 787 10  HOH HOH A . 
F 5 HOH 20 788 11  HOH HOH A . 
F 5 HOH 21 789 12  HOH HOH A . 
F 5 HOH 22 790 13  HOH HOH A . 
F 5 HOH 23 791 14  HOH HOH A . 
F 5 HOH 24 792 15  HOH HOH A . 
F 5 HOH 25 793 18  HOH HOH A . 
F 5 HOH 26 794 19  HOH HOH A . 
F 5 HOH 27 795 20  HOH HOH A . 
F 5 HOH 28 796 21  HOH HOH A . 
F 5 HOH 29 797 22  HOH HOH A . 
F 5 HOH 30 798 23  HOH HOH A . 
F 5 HOH 31 799 24  HOH HOH A . 
F 5 HOH 32 800 25  HOH HOH A . 
F 5 HOH 33 801 26  HOH HOH A . 
F 5 HOH 34 802 32  HOH HOH A . 
F 5 HOH 35 803 33  HOH HOH A . 
F 5 HOH 36 804 34  HOH HOH A . 
F 5 HOH 37 805 35  HOH HOH A . 
F 5 HOH 38 806 36  HOH HOH A . 
F 5 HOH 39 807 37  HOH HOH A . 
F 5 HOH 40 808 38  HOH HOH A . 
# 
_pdbx_struct_assembly.id                   1 
_pdbx_struct_assembly.details              author_defined_assembly 
_pdbx_struct_assembly.method_details       ? 
_pdbx_struct_assembly.oligomeric_details   dimeric 
_pdbx_struct_assembly.oligomeric_count     2 
# 
_pdbx_struct_assembly_gen.assembly_id       1 
_pdbx_struct_assembly_gen.oper_expression   1,2 
_pdbx_struct_assembly_gen.asym_id_list      A,B,C,D,E,F 
# 
loop_
_pdbx_struct_oper_list.id 
_pdbx_struct_oper_list.type 
_pdbx_struct_oper_list.name 
_pdbx_struct_oper_list.symmetry_operation 
_pdbx_struct_oper_list.matrix[1][1] 
_pdbx_struct_oper_list.matrix[1][2] 
_pdbx_struct_oper_list.matrix[1][3] 
_pdbx_struct_oper_list.vector[1] 
_pdbx_struct_oper_list.matrix[2][1] 
_pdbx_struct_oper_list.matrix[2][2] 
_pdbx_struct_oper_list.matrix[2][3] 
_pdbx_struct_oper_list.vector[2] 
_pdbx_struct_oper_list.matrix[3][1] 
_pdbx_struct_oper_list.matrix[3][2] 
_pdbx_struct_oper_list.matrix[3][3] 
_pdbx_struct_oper_list.vector[3] 
1 'identity operation'         1_555  x,y,z            1.0000000000  0.0000000000  0.0000000000 0.0000000000  0.0000000000  1.0000000000 0.0000000000  0.0000000000  0.0000000000 0.0000000000  1.0000000000  0.0000000000 
2 'crystal symmetry operation' 10_665 -y+1,-x+1,-z+1/2 -0.8812606176 -0.4725778454 0.0070642680 -1.3495214565 -0.4725778454 0.8808403368 -0.0281154953 -0.3374314897 0.0070642680 -0.0281154953 -0.9995797192 0.1102305086 
# 
loop_
_pdbx_struct_special_symmetry.id 
_pdbx_struct_special_symmetry.PDB_model_num 
_pdbx_struct_special_symmetry.auth_asym_id 
_pdbx_struct_special_symmetry.auth_comp_id 
_pdbx_struct_special_symmetry.auth_seq_id 
_pdbx_struct_special_symmetry.PDB_ins_code 
_pdbx_struct_special_symmetry.label_asym_id 
_pdbx_struct_special_symmetry.label_comp_id 
_pdbx_struct_special_symmetry.label_seq_id 
1 1 A CL  9   ? B CL  . 
2 1 A MG  768 ? D MG  . 
3 1 A NCO 766 ? E NCO . 
4 1 A HOH 781 ? F HOH . 
5 1 A HOH 782 ? F HOH . 
# 
loop_
_pdbx_struct_conn_angle.id 
_pdbx_struct_conn_angle.ptnr1_label_atom_id 
_pdbx_struct_conn_angle.ptnr1_label_alt_id 
_pdbx_struct_conn_angle.ptnr1_label_asym_id 
_pdbx_struct_conn_angle.ptnr1_label_comp_id 
_pdbx_struct_conn_angle.ptnr1_label_seq_id 
_pdbx_struct_conn_angle.ptnr1_auth_atom_id 
_pdbx_struct_conn_angle.ptnr1_auth_asym_id 
_pdbx_struct_conn_angle.ptnr1_auth_comp_id 
_pdbx_struct_conn_angle.ptnr1_auth_seq_id 
_pdbx_struct_conn_angle.ptnr1_PDB_ins_code 
_pdbx_struct_conn_angle.ptnr1_symmetry 
_pdbx_struct_conn_angle.ptnr2_label_atom_id 
_pdbx_struct_conn_angle.ptnr2_label_alt_id 
_pdbx_struct_conn_angle.ptnr2_label_asym_id 
_pdbx_struct_conn_angle.ptnr2_label_comp_id 
_pdbx_struct_conn_angle.ptnr2_label_seq_id 
_pdbx_struct_conn_angle.ptnr2_auth_atom_id 
_pdbx_struct_conn_angle.ptnr2_auth_asym_id 
_pdbx_struct_conn_angle.ptnr2_auth_comp_id 
_pdbx_struct_conn_angle.ptnr2_auth_seq_id 
_pdbx_struct_conn_angle.ptnr2_PDB_ins_code 
_pdbx_struct_conn_angle.ptnr2_symmetry 
_pdbx_struct_conn_angle.ptnr3_label_atom_id 
_pdbx_struct_conn_angle.ptnr3_label_alt_id 
_pdbx_struct_conn_angle.ptnr3_label_asym_id 
_pdbx_struct_conn_angle.ptnr3_label_comp_id 
_pdbx_struct_conn_angle.ptnr3_label_seq_id 
_pdbx_struct_conn_angle.ptnr3_auth_atom_id 
_pdbx_struct_conn_angle.ptnr3_auth_asym_id 
_pdbx_struct_conn_angle.ptnr3_auth_comp_id 
_pdbx_struct_conn_angle.ptnr3_auth_seq_id 
_pdbx_struct_conn_angle.ptnr3_PDB_ins_code 
_pdbx_struct_conn_angle.ptnr3_symmetry 
_pdbx_struct_conn_angle.value 
_pdbx_struct_conn_angle.value_esd 
1   O ? F HOH . ? A HOH 769 ? 1_555 MG ? C MG . ? A MG 767 ? 1_555 O ? F HOH . ? A HOH 770 ? 1_555 90.7  ? 
2   O ? F HOH . ? A HOH 769 ? 1_555 MG ? C MG . ? A MG 767 ? 1_555 O ? F HOH . ? A HOH 771 ? 1_555 89.6  ? 
3   O ? F HOH . ? A HOH 770 ? 1_555 MG ? C MG . ? A MG 767 ? 1_555 O ? F HOH . ? A HOH 771 ? 1_555 90.6  ? 
4   O ? F HOH . ? A HOH 769 ? 1_555 MG ? C MG . ? A MG 767 ? 1_555 O ? F HOH . ? A HOH 772 ? 1_555 179.6 ? 
5   O ? F HOH . ? A HOH 770 ? 1_555 MG ? C MG . ? A MG 767 ? 1_555 O ? F HOH . ? A HOH 772 ? 1_555 89.5  ? 
6   O ? F HOH . ? A HOH 771 ? 1_555 MG ? C MG . ? A MG 767 ? 1_555 O ? F HOH . ? A HOH 772 ? 1_555 90.1  ? 
7   O ? F HOH . ? A HOH 769 ? 1_555 MG ? C MG . ? A MG 767 ? 1_555 O ? F HOH . ? A HOH 773 ? 1_555 89.6  ? 
8   O ? F HOH . ? A HOH 770 ? 1_555 MG ? C MG . ? A MG 767 ? 1_555 O ? F HOH . ? A HOH 773 ? 1_555 179.6 ? 
9   O ? F HOH . ? A HOH 771 ? 1_555 MG ? C MG . ? A MG 767 ? 1_555 O ? F HOH . ? A HOH 773 ? 1_555 89.7  ? 
10  O ? F HOH . ? A HOH 772 ? 1_555 MG ? C MG . ? A MG 767 ? 1_555 O ? F HOH . ? A HOH 773 ? 1_555 90.1  ? 
11  O ? F HOH . ? A HOH 769 ? 1_555 MG ? C MG . ? A MG 767 ? 1_555 O ? F HOH . ? A HOH 774 ? 1_555 90.4  ? 
12  O ? F HOH . ? A HOH 770 ? 1_555 MG ? C MG . ? A MG 767 ? 1_555 O ? F HOH . ? A HOH 774 ? 1_555 89.7  ? 
13  O ? F HOH . ? A HOH 771 ? 1_555 MG ? C MG . ? A MG 767 ? 1_555 O ? F HOH . ? A HOH 774 ? 1_555 179.7 ? 
14  O ? F HOH . ? A HOH 772 ? 1_555 MG ? C MG . ? A MG 767 ? 1_555 O ? F HOH . ? A HOH 774 ? 1_555 89.9  ? 
15  O ? F HOH . ? A HOH 773 ? 1_555 MG ? C MG . ? A MG 767 ? 1_555 O ? F HOH . ? A HOH 774 ? 1_555 90.1  ? 
16  O ? F HOH . ? A HOH 775 ? 1_555 MG ? D MG . ? A MG 768 ? 1_555 O ? F HOH . ? A HOH 775 ? 3_565 86.4  ? 
17  O ? F HOH . ? A HOH 775 ? 1_555 MG ? D MG . ? A MG 768 ? 1_555 O ? F HOH . ? A HOH 775 ? 2_665 86.4  ? 
18  O ? F HOH . ? A HOH 775 ? 3_565 MG ? D MG . ? A MG 768 ? 1_555 O ? F HOH . ? A HOH 775 ? 2_665 86.4  ? 
19  O ? F HOH . ? A HOH 775 ? 1_555 MG ? D MG . ? A MG 768 ? 1_555 O ? F HOH . ? A HOH 776 ? 1_555 90.0  ? 
20  O ? F HOH . ? A HOH 775 ? 3_565 MG ? D MG . ? A MG 768 ? 1_555 O ? F HOH . ? A HOH 776 ? 1_555 82.6  ? 
21  O ? F HOH . ? A HOH 775 ? 2_665 MG ? D MG . ? A MG 768 ? 1_555 O ? F HOH . ? A HOH 776 ? 1_555 5.4   ? 
22  O ? F HOH . ? A HOH 775 ? 1_555 MG ? D MG . ? A MG 768 ? 1_555 O ? F HOH . ? A HOH 776 ? 2_665 82.6  ? 
23  O ? F HOH . ? A HOH 775 ? 3_565 MG ? D MG . ? A MG 768 ? 1_555 O ? F HOH . ? A HOH 776 ? 2_665 5.4   ? 
24  O ? F HOH . ? A HOH 775 ? 2_665 MG ? D MG . ? A MG 768 ? 1_555 O ? F HOH . ? A HOH 776 ? 2_665 90.0  ? 
25  O ? F HOH . ? A HOH 776 ? 1_555 MG ? D MG . ? A MG 768 ? 1_555 O ? F HOH . ? A HOH 776 ? 2_665 86.4  ? 
26  O ? F HOH . ? A HOH 775 ? 1_555 MG ? D MG . ? A MG 768 ? 1_555 O ? F HOH . ? A HOH 776 ? 3_565 5.4   ? 
27  O ? F HOH . ? A HOH 775 ? 3_565 MG ? D MG . ? A MG 768 ? 1_555 O ? F HOH . ? A HOH 776 ? 3_565 90.0  ? 
28  O ? F HOH . ? A HOH 775 ? 2_665 MG ? D MG . ? A MG 768 ? 1_555 O ? F HOH . ? A HOH 776 ? 3_565 82.6  ? 
29  O ? F HOH . ? A HOH 776 ? 1_555 MG ? D MG . ? A MG 768 ? 1_555 O ? F HOH . ? A HOH 776 ? 3_565 86.4  ? 
30  O ? F HOH . ? A HOH 776 ? 2_665 MG ? D MG . ? A MG 768 ? 1_555 O ? F HOH . ? A HOH 776 ? 3_565 86.4  ? 
31  O ? F HOH . ? A HOH 775 ? 1_555 MG ? D MG . ? A MG 768 ? 1_555 O ? F HOH . ? A HOH 777 ? 1_555 90.0  ? 
32  O ? F HOH . ? A HOH 775 ? 3_565 MG ? D MG . ? A MG 768 ? 1_555 O ? F HOH . ? A HOH 777 ? 1_555 171.7 ? 
33  O ? F HOH . ? A HOH 775 ? 2_665 MG ? D MG . ? A MG 768 ? 1_555 O ? F HOH . ? A HOH 777 ? 1_555 85.9  ? 
34  O ? F HOH . ? A HOH 776 ? 1_555 MG ? D MG . ? A MG 768 ? 1_555 O ? F HOH . ? A HOH 777 ? 1_555 90.0  ? 
35  O ? F HOH . ? A HOH 776 ? 2_665 MG ? D MG . ? A MG 768 ? 1_555 O ? F HOH . ? A HOH 777 ? 1_555 171.7 ? 
36  O ? F HOH . ? A HOH 776 ? 3_565 MG ? D MG . ? A MG 768 ? 1_555 O ? F HOH . ? A HOH 777 ? 1_555 85.9  ? 
37  O ? F HOH . ? A HOH 775 ? 1_555 MG ? D MG . ? A MG 768 ? 1_555 O ? F HOH . ? A HOH 777 ? 3_565 85.9  ? 
38  O ? F HOH . ? A HOH 775 ? 3_565 MG ? D MG . ? A MG 768 ? 1_555 O ? F HOH . ? A HOH 777 ? 3_565 90.0  ? 
39  O ? F HOH . ? A HOH 775 ? 2_665 MG ? D MG . ? A MG 768 ? 1_555 O ? F HOH . ? A HOH 777 ? 3_565 171.8 ? 
40  O ? F HOH . ? A HOH 776 ? 1_555 MG ? D MG . ? A MG 768 ? 1_555 O ? F HOH . ? A HOH 777 ? 3_565 171.7 ? 
41  O ? F HOH . ? A HOH 776 ? 2_665 MG ? D MG . ? A MG 768 ? 1_555 O ? F HOH . ? A HOH 777 ? 3_565 85.9  ? 
42  O ? F HOH . ? A HOH 776 ? 3_565 MG ? D MG . ? A MG 768 ? 1_555 O ? F HOH . ? A HOH 777 ? 3_565 90.0  ? 
43  O ? F HOH . ? A HOH 777 ? 1_555 MG ? D MG . ? A MG 768 ? 1_555 O ? F HOH . ? A HOH 777 ? 3_565 97.2  ? 
44  O ? F HOH . ? A HOH 775 ? 1_555 MG ? D MG . ? A MG 768 ? 1_555 O ? F HOH . ? A HOH 777 ? 2_665 171.8 ? 
45  O ? F HOH . ? A HOH 775 ? 3_565 MG ? D MG . ? A MG 768 ? 1_555 O ? F HOH . ? A HOH 777 ? 2_665 85.9  ? 
46  O ? F HOH . ? A HOH 775 ? 2_665 MG ? D MG . ? A MG 768 ? 1_555 O ? F HOH . ? A HOH 777 ? 2_665 90.0  ? 
47  O ? F HOH . ? A HOH 776 ? 1_555 MG ? D MG . ? A MG 768 ? 1_555 O ? F HOH . ? A HOH 777 ? 2_665 85.9  ? 
48  O ? F HOH . ? A HOH 776 ? 2_665 MG ? D MG . ? A MG 768 ? 1_555 O ? F HOH . ? A HOH 777 ? 2_665 90.0  ? 
49  O ? F HOH . ? A HOH 776 ? 3_565 MG ? D MG . ? A MG 768 ? 1_555 O ? F HOH . ? A HOH 777 ? 2_665 171.7 ? 
50  O ? F HOH . ? A HOH 777 ? 1_555 MG ? D MG . ? A MG 768 ? 1_555 O ? F HOH . ? A HOH 777 ? 2_665 97.2  ? 
51  O ? F HOH . ? A HOH 777 ? 3_565 MG ? D MG . ? A MG 768 ? 1_555 O ? F HOH . ? A HOH 777 ? 2_665 97.2  ? 
52  O ? F HOH . ? A HOH 775 ? 1_555 MG ? D MG . ? A MG 768 ? 1_555 O ? F HOH . ? A HOH 778 ? 1_555 180.0 ? 
53  O ? F HOH . ? A HOH 775 ? 3_565 MG ? D MG . ? A MG 768 ? 1_555 O ? F HOH . ? A HOH 778 ? 1_555 93.6  ? 
54  O ? F HOH . ? A HOH 775 ? 2_665 MG ? D MG . ? A MG 768 ? 1_555 O ? F HOH . ? A HOH 778 ? 1_555 93.6  ? 
55  O ? F HOH . ? A HOH 776 ? 1_555 MG ? D MG . ? A MG 768 ? 1_555 O ? F HOH . ? A HOH 778 ? 1_555 90.0  ? 
56  O ? F HOH . ? A HOH 776 ? 2_665 MG ? D MG . ? A MG 768 ? 1_555 O ? F HOH . ? A HOH 778 ? 1_555 97.4  ? 
57  O ? F HOH . ? A HOH 776 ? 3_565 MG ? D MG . ? A MG 768 ? 1_555 O ? F HOH . ? A HOH 778 ? 1_555 174.6 ? 
58  O ? F HOH . ? A HOH 777 ? 1_555 MG ? D MG . ? A MG 768 ? 1_555 O ? F HOH . ? A HOH 778 ? 1_555 90.0  ? 
59  O ? F HOH . ? A HOH 777 ? 3_565 MG ? D MG . ? A MG 768 ? 1_555 O ? F HOH . ? A HOH 778 ? 1_555 94.1  ? 
60  O ? F HOH . ? A HOH 777 ? 2_665 MG ? D MG . ? A MG 768 ? 1_555 O ? F HOH . ? A HOH 778 ? 1_555 8.2   ? 
61  O ? F HOH . ? A HOH 775 ? 1_555 MG ? D MG . ? A MG 768 ? 1_555 O ? F HOH . ? A HOH 778 ? 2_665 93.6  ? 
62  O ? F HOH . ? A HOH 775 ? 3_565 MG ? D MG . ? A MG 768 ? 1_555 O ? F HOH . ? A HOH 778 ? 2_665 93.6  ? 
63  O ? F HOH . ? A HOH 775 ? 2_665 MG ? D MG . ? A MG 768 ? 1_555 O ? F HOH . ? A HOH 778 ? 2_665 180.0 ? 
64  O ? F HOH . ? A HOH 776 ? 1_555 MG ? D MG . ? A MG 768 ? 1_555 O ? F HOH . ? A HOH 778 ? 2_665 174.6 ? 
65  O ? F HOH . ? A HOH 776 ? 2_665 MG ? D MG . ? A MG 768 ? 1_555 O ? F HOH . ? A HOH 778 ? 2_665 90.0  ? 
66  O ? F HOH . ? A HOH 776 ? 3_565 MG ? D MG . ? A MG 768 ? 1_555 O ? F HOH . ? A HOH 778 ? 2_665 97.4  ? 
67  O ? F HOH . ? A HOH 777 ? 1_555 MG ? D MG . ? A MG 768 ? 1_555 O ? F HOH . ? A HOH 778 ? 2_665 94.1  ? 
68  O ? F HOH . ? A HOH 777 ? 3_565 MG ? D MG . ? A MG 768 ? 1_555 O ? F HOH . ? A HOH 778 ? 2_665 8.2   ? 
69  O ? F HOH . ? A HOH 777 ? 2_665 MG ? D MG . ? A MG 768 ? 1_555 O ? F HOH . ? A HOH 778 ? 2_665 90.0  ? 
70  O ? F HOH . ? A HOH 778 ? 1_555 MG ? D MG . ? A MG 768 ? 1_555 O ? F HOH . ? A HOH 778 ? 2_665 86.4  ? 
71  O ? F HOH . ? A HOH 775 ? 1_555 MG ? D MG . ? A MG 768 ? 1_555 O ? F HOH . ? A HOH 778 ? 3_565 93.6  ? 
72  O ? F HOH . ? A HOH 775 ? 3_565 MG ? D MG . ? A MG 768 ? 1_555 O ? F HOH . ? A HOH 778 ? 3_565 180.0 ? 
73  O ? F HOH . ? A HOH 775 ? 2_665 MG ? D MG . ? A MG 768 ? 1_555 O ? F HOH . ? A HOH 778 ? 3_565 93.5  ? 
74  O ? F HOH . ? A HOH 776 ? 1_555 MG ? D MG . ? A MG 768 ? 1_555 O ? F HOH . ? A HOH 778 ? 3_565 97.4  ? 
75  O ? F HOH . ? A HOH 776 ? 2_665 MG ? D MG . ? A MG 768 ? 1_555 O ? F HOH . ? A HOH 778 ? 3_565 174.6 ? 
76  O ? F HOH . ? A HOH 776 ? 3_565 MG ? D MG . ? A MG 768 ? 1_555 O ? F HOH . ? A HOH 778 ? 3_565 90.0  ? 
77  O ? F HOH . ? A HOH 777 ? 1_555 MG ? D MG . ? A MG 768 ? 1_555 O ? F HOH . ? A HOH 778 ? 3_565 8.2   ? 
78  O ? F HOH . ? A HOH 777 ? 3_565 MG ? D MG . ? A MG 768 ? 1_555 O ? F HOH . ? A HOH 778 ? 3_565 90.0  ? 
79  O ? F HOH . ? A HOH 777 ? 2_665 MG ? D MG . ? A MG 768 ? 1_555 O ? F HOH . ? A HOH 778 ? 3_565 94.1  ? 
80  O ? F HOH . ? A HOH 778 ? 1_555 MG ? D MG . ? A MG 768 ? 1_555 O ? F HOH . ? A HOH 778 ? 3_565 86.4  ? 
81  O ? F HOH . ? A HOH 778 ? 2_665 MG ? D MG . ? A MG 768 ? 1_555 O ? F HOH . ? A HOH 778 ? 3_565 86.4  ? 
82  O ? F HOH . ? A HOH 775 ? 1_555 MG ? D MG . ? A MG 768 ? 1_555 O ? F HOH . ? A HOH 779 ? 1_555 90.0  ? 
83  O ? F HOH . ? A HOH 775 ? 3_565 MG ? D MG . ? A MG 768 ? 1_555 O ? F HOH . ? A HOH 779 ? 1_555 97.4  ? 
84  O ? F HOH . ? A HOH 775 ? 2_665 MG ? D MG . ? A MG 768 ? 1_555 O ? F HOH . ? A HOH 779 ? 1_555 174.6 ? 
85  O ? F HOH . ? A HOH 776 ? 1_555 MG ? D MG . ? A MG 768 ? 1_555 O ? F HOH . ? A HOH 779 ? 1_555 180.0 ? 
86  O ? F HOH . ? A HOH 776 ? 2_665 MG ? D MG . ? A MG 768 ? 1_555 O ? F HOH . ? A HOH 779 ? 1_555 93.6  ? 
87  O ? F HOH . ? A HOH 776 ? 3_565 MG ? D MG . ? A MG 768 ? 1_555 O ? F HOH . ? A HOH 779 ? 1_555 93.6  ? 
88  O ? F HOH . ? A HOH 777 ? 1_555 MG ? D MG . ? A MG 768 ? 1_555 O ? F HOH . ? A HOH 779 ? 1_555 90.0  ? 
89  O ? F HOH . ? A HOH 777 ? 3_565 MG ? D MG . ? A MG 768 ? 1_555 O ? F HOH . ? A HOH 779 ? 1_555 8.3   ? 
90  O ? F HOH . ? A HOH 777 ? 2_665 MG ? D MG . ? A MG 768 ? 1_555 O ? F HOH . ? A HOH 779 ? 1_555 94.1  ? 
91  O ? F HOH . ? A HOH 778 ? 1_555 MG ? D MG . ? A MG 768 ? 1_555 O ? F HOH . ? A HOH 779 ? 1_555 90.0  ? 
92  O ? F HOH . ? A HOH 778 ? 2_665 MG ? D MG . ? A MG 768 ? 1_555 O ? F HOH . ? A HOH 779 ? 1_555 5.4   ? 
93  O ? F HOH . ? A HOH 778 ? 3_565 MG ? D MG . ? A MG 768 ? 1_555 O ? F HOH . ? A HOH 779 ? 1_555 82.6  ? 
94  O ? F HOH . ? A HOH 775 ? 1_555 MG ? D MG . ? A MG 768 ? 1_555 O ? F HOH . ? A HOH 779 ? 3_565 174.6 ? 
95  O ? F HOH . ? A HOH 775 ? 3_565 MG ? D MG . ? A MG 768 ? 1_555 O ? F HOH . ? A HOH 779 ? 3_565 90.0  ? 
96  O ? F HOH . ? A HOH 775 ? 2_665 MG ? D MG . ? A MG 768 ? 1_555 O ? F HOH . ? A HOH 779 ? 3_565 97.4  ? 
97  O ? F HOH . ? A HOH 776 ? 1_555 MG ? D MG . ? A MG 768 ? 1_555 O ? F HOH . ? A HOH 779 ? 3_565 93.6  ? 
98  O ? F HOH . ? A HOH 776 ? 2_665 MG ? D MG . ? A MG 768 ? 1_555 O ? F HOH . ? A HOH 779 ? 3_565 93.6  ? 
99  O ? F HOH . ? A HOH 776 ? 3_565 MG ? D MG . ? A MG 768 ? 1_555 O ? F HOH . ? A HOH 779 ? 3_565 180.0 ? 
100 O ? F HOH . ? A HOH 777 ? 1_555 MG ? D MG . ? A MG 768 ? 1_555 O ? F HOH . ? A HOH 779 ? 3_565 94.1  ? 
101 O ? F HOH . ? A HOH 777 ? 3_565 MG ? D MG . ? A MG 768 ? 1_555 O ? F HOH . ? A HOH 779 ? 3_565 90.0  ? 
102 O ? F HOH . ? A HOH 777 ? 2_665 MG ? D MG . ? A MG 768 ? 1_555 O ? F HOH . ? A HOH 779 ? 3_565 8.3   ? 
103 O ? F HOH . ? A HOH 778 ? 1_555 MG ? D MG . ? A MG 768 ? 1_555 O ? F HOH . ? A HOH 779 ? 3_565 5.4   ? 
104 O ? F HOH . ? A HOH 778 ? 2_665 MG ? D MG . ? A MG 768 ? 1_555 O ? F HOH . ? A HOH 779 ? 3_565 82.6  ? 
105 O ? F HOH . ? A HOH 778 ? 3_565 MG ? D MG . ? A MG 768 ? 1_555 O ? F HOH . ? A HOH 779 ? 3_565 90.0  ? 
106 O ? F HOH . ? A HOH 779 ? 1_555 MG ? D MG . ? A MG 768 ? 1_555 O ? F HOH . ? A HOH 779 ? 3_565 86.4  ? 
107 O ? F HOH . ? A HOH 775 ? 1_555 MG ? D MG . ? A MG 768 ? 1_555 O ? F HOH . ? A HOH 779 ? 2_665 97.4  ? 
108 O ? F HOH . ? A HOH 775 ? 3_565 MG ? D MG . ? A MG 768 ? 1_555 O ? F HOH . ? A HOH 779 ? 2_665 174.6 ? 
109 O ? F HOH . ? A HOH 775 ? 2_665 MG ? D MG . ? A MG 768 ? 1_555 O ? F HOH . ? A HOH 779 ? 2_665 90.0  ? 
110 O ? F HOH . ? A HOH 776 ? 1_555 MG ? D MG . ? A MG 768 ? 1_555 O ? F HOH . ? A HOH 779 ? 2_665 93.6  ? 
111 O ? F HOH . ? A HOH 776 ? 2_665 MG ? D MG . ? A MG 768 ? 1_555 O ? F HOH . ? A HOH 779 ? 2_665 180.0 ? 
112 O ? F HOH . ? A HOH 776 ? 3_565 MG ? D MG . ? A MG 768 ? 1_555 O ? F HOH . ? A HOH 779 ? 2_665 93.6  ? 
113 O ? F HOH . ? A HOH 777 ? 1_555 MG ? D MG . ? A MG 768 ? 1_555 O ? F HOH . ? A HOH 779 ? 2_665 8.2   ? 
114 O ? F HOH . ? A HOH 777 ? 3_565 MG ? D MG . ? A MG 768 ? 1_555 O ? F HOH . ? A HOH 779 ? 2_665 94.1  ? 
115 O ? F HOH . ? A HOH 777 ? 2_665 MG ? D MG . ? A MG 768 ? 1_555 O ? F HOH . ? A HOH 779 ? 2_665 90.0  ? 
116 O ? F HOH . ? A HOH 778 ? 1_555 MG ? D MG . ? A MG 768 ? 1_555 O ? F HOH . ? A HOH 779 ? 2_665 82.6  ? 
117 O ? F HOH . ? A HOH 778 ? 2_665 MG ? D MG . ? A MG 768 ? 1_555 O ? F HOH . ? A HOH 779 ? 2_665 90.0  ? 
118 O ? F HOH . ? A HOH 778 ? 3_565 MG ? D MG . ? A MG 768 ? 1_555 O ? F HOH . ? A HOH 779 ? 2_665 5.4   ? 
119 O ? F HOH . ? A HOH 779 ? 1_555 MG ? D MG . ? A MG 768 ? 1_555 O ? F HOH . ? A HOH 779 ? 2_665 86.4  ? 
120 O ? F HOH . ? A HOH 779 ? 3_565 MG ? D MG . ? A MG 768 ? 1_555 O ? F HOH . ? A HOH 779 ? 2_665 86.4  ? 
121 O ? F HOH . ? A HOH 775 ? 1_555 MG ? D MG . ? A MG 768 ? 1_555 O ? F HOH . ? A HOH 780 ? 1_555 90.0  ? 
122 O ? F HOH . ? A HOH 775 ? 3_565 MG ? D MG . ? A MG 768 ? 1_555 O ? F HOH . ? A HOH 780 ? 1_555 8.3   ? 
123 O ? F HOH . ? A HOH 775 ? 2_665 MG ? D MG . ? A MG 768 ? 1_555 O ? F HOH . ? A HOH 780 ? 1_555 94.1  ? 
124 O ? F HOH . ? A HOH 776 ? 1_555 MG ? D MG . ? A MG 768 ? 1_555 O ? F HOH . ? A HOH 780 ? 1_555 90.0  ? 
125 O ? F HOH . ? A HOH 776 ? 2_665 MG ? D MG . ? A MG 768 ? 1_555 O ? F HOH . ? A HOH 780 ? 1_555 8.3   ? 
126 O ? F HOH . ? A HOH 776 ? 3_565 MG ? D MG . ? A MG 768 ? 1_555 O ? F HOH . ? A HOH 780 ? 1_555 94.1  ? 
127 O ? F HOH . ? A HOH 777 ? 1_555 MG ? D MG . ? A MG 768 ? 1_555 O ? F HOH . ? A HOH 780 ? 1_555 180.0 ? 
128 O ? F HOH . ? A HOH 777 ? 3_565 MG ? D MG . ? A MG 768 ? 1_555 O ? F HOH . ? A HOH 780 ? 1_555 82.8  ? 
129 O ? F HOH . ? A HOH 777 ? 2_665 MG ? D MG . ? A MG 768 ? 1_555 O ? F HOH . ? A HOH 780 ? 1_555 82.8  ? 
130 O ? F HOH . ? A HOH 778 ? 1_555 MG ? D MG . ? A MG 768 ? 1_555 O ? F HOH . ? A HOH 780 ? 1_555 90.0  ? 
131 O ? F HOH . ? A HOH 778 ? 2_665 MG ? D MG . ? A MG 768 ? 1_555 O ? F HOH . ? A HOH 780 ? 1_555 85.9  ? 
132 O ? F HOH . ? A HOH 778 ? 3_565 MG ? D MG . ? A MG 768 ? 1_555 O ? F HOH . ? A HOH 780 ? 1_555 171.8 ? 
133 O ? F HOH . ? A HOH 779 ? 1_555 MG ? D MG . ? A MG 768 ? 1_555 O ? F HOH . ? A HOH 780 ? 1_555 90.0  ? 
134 O ? F HOH . ? A HOH 779 ? 3_565 MG ? D MG . ? A MG 768 ? 1_555 O ? F HOH . ? A HOH 780 ? 1_555 85.9  ? 
135 O ? F HOH . ? A HOH 779 ? 2_665 MG ? D MG . ? A MG 768 ? 1_555 O ? F HOH . ? A HOH 780 ? 1_555 171.8 ? 
136 O ? F HOH . ? A HOH 775 ? 1_555 MG ? D MG . ? A MG 768 ? 1_555 O ? F HOH . ? A HOH 780 ? 3_565 94.1  ? 
137 O ? F HOH . ? A HOH 775 ? 3_565 MG ? D MG . ? A MG 768 ? 1_555 O ? F HOH . ? A HOH 780 ? 3_565 90.0  ? 
138 O ? F HOH . ? A HOH 775 ? 2_665 MG ? D MG . ? A MG 768 ? 1_555 O ? F HOH . ? A HOH 780 ? 3_565 8.3   ? 
139 O ? F HOH . ? A HOH 776 ? 1_555 MG ? D MG . ? A MG 768 ? 1_555 O ? F HOH . ? A HOH 780 ? 3_565 8.3   ? 
140 O ? F HOH . ? A HOH 776 ? 2_665 MG ? D MG . ? A MG 768 ? 1_555 O ? F HOH . ? A HOH 780 ? 3_565 94.1  ? 
141 O ? F HOH . ? A HOH 776 ? 3_565 MG ? D MG . ? A MG 768 ? 1_555 O ? F HOH . ? A HOH 780 ? 3_565 90.0  ? 
142 O ? F HOH . ? A HOH 777 ? 1_555 MG ? D MG . ? A MG 768 ? 1_555 O ? F HOH . ? A HOH 780 ? 3_565 82.8  ? 
143 O ? F HOH . ? A HOH 777 ? 3_565 MG ? D MG . ? A MG 768 ? 1_555 O ? F HOH . ? A HOH 780 ? 3_565 180.0 ? 
144 O ? F HOH . ? A HOH 777 ? 2_665 MG ? D MG . ? A MG 768 ? 1_555 O ? F HOH . ? A HOH 780 ? 3_565 82.8  ? 
145 O ? F HOH . ? A HOH 778 ? 1_555 MG ? D MG . ? A MG 768 ? 1_555 O ? F HOH . ? A HOH 780 ? 3_565 85.9  ? 
146 O ? F HOH . ? A HOH 778 ? 2_665 MG ? D MG . ? A MG 768 ? 1_555 O ? F HOH . ? A HOH 780 ? 3_565 171.7 ? 
147 O ? F HOH . ? A HOH 778 ? 3_565 MG ? D MG . ? A MG 768 ? 1_555 O ? F HOH . ? A HOH 780 ? 3_565 90.0  ? 
148 O ? F HOH . ? A HOH 779 ? 1_555 MG ? D MG . ? A MG 768 ? 1_555 O ? F HOH . ? A HOH 780 ? 3_565 171.7 ? 
149 O ? F HOH . ? A HOH 779 ? 3_565 MG ? D MG . ? A MG 768 ? 1_555 O ? F HOH . ? A HOH 780 ? 3_565 90.0  ? 
150 O ? F HOH . ? A HOH 779 ? 2_665 MG ? D MG . ? A MG 768 ? 1_555 O ? F HOH . ? A HOH 780 ? 3_565 85.9  ? 
151 O ? F HOH . ? A HOH 780 ? 1_555 MG ? D MG . ? A MG 768 ? 1_555 O ? F HOH . ? A HOH 780 ? 3_565 97.2  ? 
152 O ? F HOH . ? A HOH 775 ? 1_555 MG ? D MG . ? A MG 768 ? 1_555 O ? F HOH . ? A HOH 780 ? 2_665 8.3   ? 
153 O ? F HOH . ? A HOH 775 ? 3_565 MG ? D MG . ? A MG 768 ? 1_555 O ? F HOH . ? A HOH 780 ? 2_665 94.1  ? 
154 O ? F HOH . ? A HOH 775 ? 2_665 MG ? D MG . ? A MG 768 ? 1_555 O ? F HOH . ? A HOH 780 ? 2_665 90.0  ? 
155 O ? F HOH . ? A HOH 776 ? 1_555 MG ? D MG . ? A MG 768 ? 1_555 O ? F HOH . ? A HOH 780 ? 2_665 94.1  ? 
156 O ? F HOH . ? A HOH 776 ? 2_665 MG ? D MG . ? A MG 768 ? 1_555 O ? F HOH . ? A HOH 780 ? 2_665 90.0  ? 
157 O ? F HOH . ? A HOH 776 ? 3_565 MG ? D MG . ? A MG 768 ? 1_555 O ? F HOH . ? A HOH 780 ? 2_665 8.3   ? 
158 O ? F HOH . ? A HOH 777 ? 1_555 MG ? D MG . ? A MG 768 ? 1_555 O ? F HOH . ? A HOH 780 ? 2_665 82.8  ? 
159 O ? F HOH . ? A HOH 777 ? 3_565 MG ? D MG . ? A MG 768 ? 1_555 O ? F HOH . ? A HOH 780 ? 2_665 82.8  ? 
160 O ? F HOH . ? A HOH 777 ? 2_665 MG ? D MG . ? A MG 768 ? 1_555 O ? F HOH . ? A HOH 780 ? 2_665 180.0 ? 
161 O ? F HOH . ? A HOH 778 ? 1_555 MG ? D MG . ? A MG 768 ? 1_555 O ? F HOH . ? A HOH 780 ? 2_665 171.7 ? 
162 O ? F HOH . ? A HOH 778 ? 2_665 MG ? D MG . ? A MG 768 ? 1_555 O ? F HOH . ? A HOH 780 ? 2_665 90.0  ? 
163 O ? F HOH . ? A HOH 778 ? 3_565 MG ? D MG . ? A MG 768 ? 1_555 O ? F HOH . ? A HOH 780 ? 2_665 85.9  ? 
164 O ? F HOH . ? A HOH 779 ? 1_555 MG ? D MG . ? A MG 768 ? 1_555 O ? F HOH . ? A HOH 780 ? 2_665 85.9  ? 
165 O ? F HOH . ? A HOH 779 ? 3_565 MG ? D MG . ? A MG 768 ? 1_555 O ? F HOH . ? A HOH 780 ? 2_665 171.8 ? 
166 O ? F HOH . ? A HOH 779 ? 2_665 MG ? D MG . ? A MG 768 ? 1_555 O ? F HOH . ? A HOH 780 ? 2_665 90.0  ? 
167 O ? F HOH . ? A HOH 780 ? 1_555 MG ? D MG . ? A MG 768 ? 1_555 O ? F HOH . ? A HOH 780 ? 2_665 97.2  ? 
168 O ? F HOH . ? A HOH 780 ? 3_565 MG ? D MG . ? A MG 768 ? 1_555 O ? F HOH . ? A HOH 780 ? 2_665 97.2  ? 
# 
loop_
_pdbx_audit_revision_history.ordinal 
_pdbx_audit_revision_history.data_content_type 
_pdbx_audit_revision_history.major_revision 
_pdbx_audit_revision_history.minor_revision 
_pdbx_audit_revision_history.revision_date 
1 'Structure model' 1 0 2004-01-13 
2 'Structure model' 1 1 2008-04-27 
3 'Structure model' 1 2 2011-07-13 
4 'Structure model' 1 3 2023-10-25 
# 
_pdbx_audit_revision_details.ordinal             1 
_pdbx_audit_revision_details.revision_ordinal    1 
_pdbx_audit_revision_details.data_content_type   'Structure model' 
_pdbx_audit_revision_details.provider            repository 
_pdbx_audit_revision_details.type                'Initial release' 
_pdbx_audit_revision_details.description         ? 
_pdbx_audit_revision_details.details             ? 
# 
loop_
_pdbx_audit_revision_group.ordinal 
_pdbx_audit_revision_group.revision_ordinal 
_pdbx_audit_revision_group.data_content_type 
_pdbx_audit_revision_group.group 
1 2 'Structure model' 'Version format compliance' 
2 3 'Structure model' 'Version format compliance' 
3 4 'Structure model' 'Data collection'           
4 4 'Structure model' 'Database references'       
5 4 'Structure model' 'Derived calculations'      
6 4 'Structure model' 'Refinement description'    
# 
loop_
_pdbx_audit_revision_category.ordinal 
_pdbx_audit_revision_category.revision_ordinal 
_pdbx_audit_revision_category.data_content_type 
_pdbx_audit_revision_category.category 
1 4 'Structure model' chem_comp_atom                
2 4 'Structure model' chem_comp_bond                
3 4 'Structure model' database_2                    
4 4 'Structure model' pdbx_initial_refinement_model 
5 4 'Structure model' pdbx_struct_conn_angle        
6 4 'Structure model' struct_conn                   
7 4 'Structure model' struct_site                   
# 
loop_
_pdbx_audit_revision_item.ordinal 
_pdbx_audit_revision_item.revision_ordinal 
_pdbx_audit_revision_item.data_content_type 
_pdbx_audit_revision_item.item 
1  4 'Structure model' '_database_2.pdbx_DOI'                      
2  4 'Structure model' '_database_2.pdbx_database_accession'       
3  4 'Structure model' '_pdbx_struct_conn_angle.ptnr1_auth_seq_id' 
4  4 'Structure model' '_pdbx_struct_conn_angle.ptnr1_symmetry'    
5  4 'Structure model' '_pdbx_struct_conn_angle.ptnr3_auth_seq_id' 
6  4 'Structure model' '_pdbx_struct_conn_angle.ptnr3_symmetry'    
7  4 'Structure model' '_pdbx_struct_conn_angle.value'             
8  4 'Structure model' '_struct_conn.pdbx_dist_value'              
9  4 'Structure model' '_struct_conn.ptnr2_auth_seq_id'            
10 4 'Structure model' '_struct_conn.ptnr2_symmetry'               
11 4 'Structure model' '_struct_site.pdbx_auth_asym_id'            
12 4 'Structure model' '_struct_site.pdbx_auth_comp_id'            
13 4 'Structure model' '_struct_site.pdbx_auth_seq_id'             
# 
loop_
_software.name 
_software.classification 
_software.version 
_software.citation_id 
_software.pdbx_ordinal 
MOSFLM 'data reduction' .         ? 1 
SCALA  'data scaling'   .         ? 2 
AMoRE  phasing          .         ? 3 
CNS    refinement       .         ? 4 
CCP4   'data scaling'   '(SCALA)' ? 5 
# 
loop_
_chem_comp_atom.comp_id 
_chem_comp_atom.atom_id 
_chem_comp_atom.type_symbol 
_chem_comp_atom.pdbx_aromatic_flag 
_chem_comp_atom.pdbx_stereo_config 
_chem_comp_atom.pdbx_ordinal 
CL  CL     CL N N 1   
DA  OP3    O  N N 2   
DA  P      P  N N 3   
DA  OP1    O  N N 4   
DA  OP2    O  N N 5   
DA  "O5'"  O  N N 6   
DA  "C5'"  C  N N 7   
DA  "C4'"  C  N R 8   
DA  "O4'"  O  N N 9   
DA  "C3'"  C  N S 10  
DA  "O3'"  O  N N 11  
DA  "C2'"  C  N N 12  
DA  "C1'"  C  N R 13  
DA  N9     N  Y N 14  
DA  C8     C  Y N 15  
DA  N7     N  Y N 16  
DA  C5     C  Y N 17  
DA  C6     C  Y N 18  
DA  N6     N  N N 19  
DA  N1     N  Y N 20  
DA  C2     C  Y N 21  
DA  N3     N  Y N 22  
DA  C4     C  Y N 23  
DA  HOP3   H  N N 24  
DA  HOP2   H  N N 25  
DA  "H5'"  H  N N 26  
DA  "H5''" H  N N 27  
DA  "H4'"  H  N N 28  
DA  "H3'"  H  N N 29  
DA  "HO3'" H  N N 30  
DA  "H2'"  H  N N 31  
DA  "H2''" H  N N 32  
DA  "H1'"  H  N N 33  
DA  H8     H  N N 34  
DA  H61    H  N N 35  
DA  H62    H  N N 36  
DA  H2     H  N N 37  
DC  OP3    O  N N 38  
DC  P      P  N N 39  
DC  OP1    O  N N 40  
DC  OP2    O  N N 41  
DC  "O5'"  O  N N 42  
DC  "C5'"  C  N N 43  
DC  "C4'"  C  N R 44  
DC  "O4'"  O  N N 45  
DC  "C3'"  C  N S 46  
DC  "O3'"  O  N N 47  
DC  "C2'"  C  N N 48  
DC  "C1'"  C  N R 49  
DC  N1     N  N N 50  
DC  C2     C  N N 51  
DC  O2     O  N N 52  
DC  N3     N  N N 53  
DC  C4     C  N N 54  
DC  N4     N  N N 55  
DC  C5     C  N N 56  
DC  C6     C  N N 57  
DC  HOP3   H  N N 58  
DC  HOP2   H  N N 59  
DC  "H5'"  H  N N 60  
DC  "H5''" H  N N 61  
DC  "H4'"  H  N N 62  
DC  "H3'"  H  N N 63  
DC  "HO3'" H  N N 64  
DC  "H2'"  H  N N 65  
DC  "H2''" H  N N 66  
DC  "H1'"  H  N N 67  
DC  H41    H  N N 68  
DC  H42    H  N N 69  
DC  H5     H  N N 70  
DC  H6     H  N N 71  
DG  OP3    O  N N 72  
DG  P      P  N N 73  
DG  OP1    O  N N 74  
DG  OP2    O  N N 75  
DG  "O5'"  O  N N 76  
DG  "C5'"  C  N N 77  
DG  "C4'"  C  N R 78  
DG  "O4'"  O  N N 79  
DG  "C3'"  C  N S 80  
DG  "O3'"  O  N N 81  
DG  "C2'"  C  N N 82  
DG  "C1'"  C  N R 83  
DG  N9     N  Y N 84  
DG  C8     C  Y N 85  
DG  N7     N  Y N 86  
DG  C5     C  Y N 87  
DG  C6     C  N N 88  
DG  O6     O  N N 89  
DG  N1     N  N N 90  
DG  C2     C  N N 91  
DG  N2     N  N N 92  
DG  N3     N  N N 93  
DG  C4     C  Y N 94  
DG  HOP3   H  N N 95  
DG  HOP2   H  N N 96  
DG  "H5'"  H  N N 97  
DG  "H5''" H  N N 98  
DG  "H4'"  H  N N 99  
DG  "H3'"  H  N N 100 
DG  "HO3'" H  N N 101 
DG  "H2'"  H  N N 102 
DG  "H2''" H  N N 103 
DG  "H1'"  H  N N 104 
DG  H8     H  N N 105 
DG  H1     H  N N 106 
DG  H21    H  N N 107 
DG  H22    H  N N 108 
HOH O      O  N N 109 
HOH H1     H  N N 110 
HOH H2     H  N N 111 
MG  MG     MG N N 112 
NCO CO     CO N N 113 
NCO N1     N  N N 114 
NCO N2     N  N N 115 
NCO N3     N  N N 116 
NCO N4     N  N N 117 
NCO N5     N  N N 118 
NCO N6     N  N N 119 
NCO HN11   H  N N 120 
NCO HN12   H  N N 121 
NCO HN13   H  N N 122 
NCO HN21   H  N N 123 
NCO HN22   H  N N 124 
NCO HN23   H  N N 125 
NCO HN31   H  N N 126 
NCO HN32   H  N N 127 
NCO HN33   H  N N 128 
NCO HN41   H  N N 129 
NCO HN42   H  N N 130 
NCO HN43   H  N N 131 
NCO HN51   H  N N 132 
NCO HN52   H  N N 133 
NCO HN53   H  N N 134 
NCO HN61   H  N N 135 
NCO HN62   H  N N 136 
NCO HN63   H  N N 137 
# 
loop_
_chem_comp_bond.comp_id 
_chem_comp_bond.atom_id_1 
_chem_comp_bond.atom_id_2 
_chem_comp_bond.value_order 
_chem_comp_bond.pdbx_aromatic_flag 
_chem_comp_bond.pdbx_stereo_config 
_chem_comp_bond.pdbx_ordinal 
DA  OP3   P      sing N N 1   
DA  OP3   HOP3   sing N N 2   
DA  P     OP1    doub N N 3   
DA  P     OP2    sing N N 4   
DA  P     "O5'"  sing N N 5   
DA  OP2   HOP2   sing N N 6   
DA  "O5'" "C5'"  sing N N 7   
DA  "C5'" "C4'"  sing N N 8   
DA  "C5'" "H5'"  sing N N 9   
DA  "C5'" "H5''" sing N N 10  
DA  "C4'" "O4'"  sing N N 11  
DA  "C4'" "C3'"  sing N N 12  
DA  "C4'" "H4'"  sing N N 13  
DA  "O4'" "C1'"  sing N N 14  
DA  "C3'" "O3'"  sing N N 15  
DA  "C3'" "C2'"  sing N N 16  
DA  "C3'" "H3'"  sing N N 17  
DA  "O3'" "HO3'" sing N N 18  
DA  "C2'" "C1'"  sing N N 19  
DA  "C2'" "H2'"  sing N N 20  
DA  "C2'" "H2''" sing N N 21  
DA  "C1'" N9     sing N N 22  
DA  "C1'" "H1'"  sing N N 23  
DA  N9    C8     sing Y N 24  
DA  N9    C4     sing Y N 25  
DA  C8    N7     doub Y N 26  
DA  C8    H8     sing N N 27  
DA  N7    C5     sing Y N 28  
DA  C5    C6     sing Y N 29  
DA  C5    C4     doub Y N 30  
DA  C6    N6     sing N N 31  
DA  C6    N1     doub Y N 32  
DA  N6    H61    sing N N 33  
DA  N6    H62    sing N N 34  
DA  N1    C2     sing Y N 35  
DA  C2    N3     doub Y N 36  
DA  C2    H2     sing N N 37  
DA  N3    C4     sing Y N 38  
DC  OP3   P      sing N N 39  
DC  OP3   HOP3   sing N N 40  
DC  P     OP1    doub N N 41  
DC  P     OP2    sing N N 42  
DC  P     "O5'"  sing N N 43  
DC  OP2   HOP2   sing N N 44  
DC  "O5'" "C5'"  sing N N 45  
DC  "C5'" "C4'"  sing N N 46  
DC  "C5'" "H5'"  sing N N 47  
DC  "C5'" "H5''" sing N N 48  
DC  "C4'" "O4'"  sing N N 49  
DC  "C4'" "C3'"  sing N N 50  
DC  "C4'" "H4'"  sing N N 51  
DC  "O4'" "C1'"  sing N N 52  
DC  "C3'" "O3'"  sing N N 53  
DC  "C3'" "C2'"  sing N N 54  
DC  "C3'" "H3'"  sing N N 55  
DC  "O3'" "HO3'" sing N N 56  
DC  "C2'" "C1'"  sing N N 57  
DC  "C2'" "H2'"  sing N N 58  
DC  "C2'" "H2''" sing N N 59  
DC  "C1'" N1     sing N N 60  
DC  "C1'" "H1'"  sing N N 61  
DC  N1    C2     sing N N 62  
DC  N1    C6     sing N N 63  
DC  C2    O2     doub N N 64  
DC  C2    N3     sing N N 65  
DC  N3    C4     doub N N 66  
DC  C4    N4     sing N N 67  
DC  C4    C5     sing N N 68  
DC  N4    H41    sing N N 69  
DC  N4    H42    sing N N 70  
DC  C5    C6     doub N N 71  
DC  C5    H5     sing N N 72  
DC  C6    H6     sing N N 73  
DG  OP3   P      sing N N 74  
DG  OP3   HOP3   sing N N 75  
DG  P     OP1    doub N N 76  
DG  P     OP2    sing N N 77  
DG  P     "O5'"  sing N N 78  
DG  OP2   HOP2   sing N N 79  
DG  "O5'" "C5'"  sing N N 80  
DG  "C5'" "C4'"  sing N N 81  
DG  "C5'" "H5'"  sing N N 82  
DG  "C5'" "H5''" sing N N 83  
DG  "C4'" "O4'"  sing N N 84  
DG  "C4'" "C3'"  sing N N 85  
DG  "C4'" "H4'"  sing N N 86  
DG  "O4'" "C1'"  sing N N 87  
DG  "C3'" "O3'"  sing N N 88  
DG  "C3'" "C2'"  sing N N 89  
DG  "C3'" "H3'"  sing N N 90  
DG  "O3'" "HO3'" sing N N 91  
DG  "C2'" "C1'"  sing N N 92  
DG  "C2'" "H2'"  sing N N 93  
DG  "C2'" "H2''" sing N N 94  
DG  "C1'" N9     sing N N 95  
DG  "C1'" "H1'"  sing N N 96  
DG  N9    C8     sing Y N 97  
DG  N9    C4     sing Y N 98  
DG  C8    N7     doub Y N 99  
DG  C8    H8     sing N N 100 
DG  N7    C5     sing Y N 101 
DG  C5    C6     sing N N 102 
DG  C5    C4     doub Y N 103 
DG  C6    O6     doub N N 104 
DG  C6    N1     sing N N 105 
DG  N1    C2     sing N N 106 
DG  N1    H1     sing N N 107 
DG  C2    N2     sing N N 108 
DG  C2    N3     doub N N 109 
DG  N2    H21    sing N N 110 
DG  N2    H22    sing N N 111 
DG  N3    C4     sing N N 112 
HOH O     H1     sing N N 113 
HOH O     H2     sing N N 114 
NCO CO    N1     sing N N 115 
NCO CO    N2     sing N N 116 
NCO CO    N3     sing N N 117 
NCO CO    N4     sing N N 118 
NCO CO    N5     sing N N 119 
NCO CO    N6     sing N N 120 
NCO N1    HN11   sing N N 121 
NCO N1    HN12   sing N N 122 
NCO N1    HN13   sing N N 123 
NCO N2    HN21   sing N N 124 
NCO N2    HN22   sing N N 125 
NCO N2    HN23   sing N N 126 
NCO N3    HN31   sing N N 127 
NCO N3    HN32   sing N N 128 
NCO N3    HN33   sing N N 129 
NCO N4    HN41   sing N N 130 
NCO N4    HN42   sing N N 131 
NCO N4    HN43   sing N N 132 
NCO N5    HN51   sing N N 133 
NCO N5    HN52   sing N N 134 
NCO N5    HN53   sing N N 135 
NCO N6    HN61   sing N N 136 
NCO N6    HN62   sing N N 137 
NCO N6    HN63   sing N N 138 
# 
loop_
_ndb_struct_conf_na.entry_id 
_ndb_struct_conf_na.feature 
1UE3 'b-form double helix'  
1UE3 'mismatched base pair' 
1UE3 'internal loop'        
# 
loop_
_ndb_struct_na_base_pair.model_number 
_ndb_struct_na_base_pair.i_label_asym_id 
_ndb_struct_na_base_pair.i_label_comp_id 
_ndb_struct_na_base_pair.i_label_seq_id 
_ndb_struct_na_base_pair.i_symmetry 
_ndb_struct_na_base_pair.j_label_asym_id 
_ndb_struct_na_base_pair.j_label_comp_id 
_ndb_struct_na_base_pair.j_label_seq_id 
_ndb_struct_na_base_pair.j_symmetry 
_ndb_struct_na_base_pair.shear 
_ndb_struct_na_base_pair.stretch 
_ndb_struct_na_base_pair.stagger 
_ndb_struct_na_base_pair.buckle 
_ndb_struct_na_base_pair.propeller 
_ndb_struct_na_base_pair.opening 
_ndb_struct_na_base_pair.pair_number 
_ndb_struct_na_base_pair.pair_name 
_ndb_struct_na_base_pair.i_auth_asym_id 
_ndb_struct_na_base_pair.i_auth_seq_id 
_ndb_struct_na_base_pair.i_PDB_ins_code 
_ndb_struct_na_base_pair.j_auth_asym_id 
_ndb_struct_na_base_pair.j_auth_seq_id 
_ndb_struct_na_base_pair.j_PDB_ins_code 
_ndb_struct_na_base_pair.hbond_type_28 
_ndb_struct_na_base_pair.hbond_type_12 
1 A DG 1 1_555 A DC 8 8_665 -0.406 -0.224 -0.034 0.205  9.450  3.373 1 A_DG1:DC8_A A 1 ? A 8 ? 19 1 
1 A DC 2 1_555 A DG 7 8_665 0.377  -0.175 -0.334 16.177 3.689  1.006 2 A_DC2:DG7_A A 2 ? A 7 ? 19 1 
1 A DG 3 1_555 A DA 6 8_665 6.417  -4.372 1.126  31.300 -4.186 7.499 3 A_DG3:DA6_A A 3 ? A 6 ? 11 9 
1 A DG 1 1_555 A DC 8 1_555 -0.406 -0.224 -0.034 0.205  9.450  3.373 4 A_DG1:DC8_A A 1 ? A 8 ? 19 1 
1 A DC 2 1_555 A DG 7 1_555 0.377  -0.175 -0.334 16.177 3.689  1.006 5 A_DC2:DG7_A A 2 ? A 7 ? 19 1 
1 A DG 3 1_555 A DA 6 1_555 6.417  -4.372 1.126  31.300 -4.185 7.499 6 A_DG3:DA6_A A 3 ? A 6 ? 11 9 
# 
loop_
_ndb_struct_na_base_pair_step.model_number 
_ndb_struct_na_base_pair_step.i_label_asym_id_1 
_ndb_struct_na_base_pair_step.i_label_comp_id_1 
_ndb_struct_na_base_pair_step.i_label_seq_id_1 
_ndb_struct_na_base_pair_step.i_symmetry_1 
_ndb_struct_na_base_pair_step.j_label_asym_id_1 
_ndb_struct_na_base_pair_step.j_label_comp_id_1 
_ndb_struct_na_base_pair_step.j_label_seq_id_1 
_ndb_struct_na_base_pair_step.j_symmetry_1 
_ndb_struct_na_base_pair_step.i_label_asym_id_2 
_ndb_struct_na_base_pair_step.i_label_comp_id_2 
_ndb_struct_na_base_pair_step.i_label_seq_id_2 
_ndb_struct_na_base_pair_step.i_symmetry_2 
_ndb_struct_na_base_pair_step.j_label_asym_id_2 
_ndb_struct_na_base_pair_step.j_label_comp_id_2 
_ndb_struct_na_base_pair_step.j_label_seq_id_2 
_ndb_struct_na_base_pair_step.j_symmetry_2 
_ndb_struct_na_base_pair_step.shift 
_ndb_struct_na_base_pair_step.slide 
_ndb_struct_na_base_pair_step.rise 
_ndb_struct_na_base_pair_step.tilt 
_ndb_struct_na_base_pair_step.roll 
_ndb_struct_na_base_pair_step.twist 
_ndb_struct_na_base_pair_step.x_displacement 
_ndb_struct_na_base_pair_step.y_displacement 
_ndb_struct_na_base_pair_step.helical_rise 
_ndb_struct_na_base_pair_step.inclination 
_ndb_struct_na_base_pair_step.tip 
_ndb_struct_na_base_pair_step.helical_twist 
_ndb_struct_na_base_pair_step.step_number 
_ndb_struct_na_base_pair_step.step_name 
_ndb_struct_na_base_pair_step.i_auth_asym_id_1 
_ndb_struct_na_base_pair_step.i_auth_seq_id_1 
_ndb_struct_na_base_pair_step.i_PDB_ins_code_1 
_ndb_struct_na_base_pair_step.j_auth_asym_id_1 
_ndb_struct_na_base_pair_step.j_auth_seq_id_1 
_ndb_struct_na_base_pair_step.j_PDB_ins_code_1 
_ndb_struct_na_base_pair_step.i_auth_asym_id_2 
_ndb_struct_na_base_pair_step.i_auth_seq_id_2 
_ndb_struct_na_base_pair_step.i_PDB_ins_code_2 
_ndb_struct_na_base_pair_step.j_auth_asym_id_2 
_ndb_struct_na_base_pair_step.j_auth_seq_id_2 
_ndb_struct_na_base_pair_step.j_PDB_ins_code_2 
1 A DG 1 1_555 A DC 8 8_665 A DC 2 1_555 A DG 7 8_665 0.095 0.056 3.052 3.786  -0.877 27.921 0.307 0.632  3.035 -1.806 -7.799 
28.185 1 AA_DG1DC2:DG7DC8_AA A 1 ? A 8 ? A 2 ? A 7 ? 
1 A DC 2 1_555 A DG 7 8_665 A DG 3 1_555 A DA 6 8_665 0.638 1.469 3.078 -2.594 8.518  51.444 1.121 -0.893 3.232 9.730  2.962  
52.157 2 AA_DC2DG3:DA6DG7_AA A 2 ? A 7 ? A 3 ? A 6 ? 
1 A DG 1 1_555 A DC 8 1_555 A DC 2 1_555 A DG 7 1_555 0.095 0.056 3.052 3.786  -0.877 27.921 0.307 0.632  3.035 -1.806 -7.799 
28.185 3 AA_DG1DC2:DG7DC8_AA A 1 ? A 8 ? A 2 ? A 7 ? 
1 A DC 2 1_555 A DG 7 1_555 A DG 3 1_555 A DA 6 1_555 0.638 1.469 3.078 -2.594 8.518  51.444 1.121 -0.893 3.232 9.730  2.962  
52.157 4 AA_DC2DG3:DA6DG7_AA A 2 ? A 7 ? A 3 ? A 6 ? 
# 
loop_
_pdbx_entity_nonpoly.entity_id 
_pdbx_entity_nonpoly.name 
_pdbx_entity_nonpoly.comp_id 
2 'CHLORIDE ION'          CL  
3 'MAGNESIUM ION'         MG  
4 'COBALT HEXAMMINE(III)' NCO 
5 water                   HOH 
# 
_pdbx_initial_refinement_model.id               1 
_pdbx_initial_refinement_model.entity_id_list   ? 
_pdbx_initial_refinement_model.type             'experimental model' 
_pdbx_initial_refinement_model.source_name      PDB 
_pdbx_initial_refinement_model.accession_code   1UE2 
_pdbx_initial_refinement_model.details          'PDB ENTRY 1UE2' 
# 
